data_2W2W
#
_entry.id   2W2W
#
_cell.length_a   92.216
_cell.length_b   106.017
_cell.length_c   194.097
_cell.angle_alpha   90.00
_cell.angle_beta   90.00
_cell.angle_gamma   90.00
#
_symmetry.space_group_name_H-M   'P 21 21 21'
#
_entity_poly.entity_id   1
_entity_poly.type   'polypeptide(L)'
_entity_poly.pdbx_seq_one_letter_code
;GGGSGGSKKDEHKQQGELYMWDSIDQKWTRHFCAIADAKLSFSDDIEQTMEEDNPLGSLCRGILDLNTYNVVKAPQGKNQ
KSFVFILEPKQQGDPPVEFATDKVEELFEWFQSIREITWKIDTK
;
_entity_poly.pdbx_strand_id   A,B,C,D,E,F,G,H,I,J,K,L
#
# COMPACT_ATOMS: atom_id res chain seq x y z
N LYS A 13 3.26 22.60 -19.67
CA LYS A 13 3.83 21.67 -20.65
C LYS A 13 5.18 21.13 -20.17
N GLN A 14 5.41 19.83 -20.40
CA GLN A 14 6.63 19.19 -19.91
C GLN A 14 7.65 19.05 -21.00
N GLN A 15 8.88 19.48 -20.73
CA GLN A 15 9.95 19.38 -21.73
C GLN A 15 11.33 19.80 -21.22
N GLY A 16 12.37 19.11 -21.68
CA GLY A 16 13.74 19.41 -21.27
C GLY A 16 14.71 18.44 -21.90
N GLU A 17 15.98 18.47 -21.51
CA GLU A 17 16.92 17.48 -22.02
C GLU A 17 16.83 16.17 -21.23
N LEU A 18 17.10 15.05 -21.91
CA LEU A 18 17.08 13.75 -21.27
C LEU A 18 18.20 12.89 -21.82
N TYR A 19 18.60 11.86 -21.09
CA TYR A 19 19.55 10.89 -21.61
C TYR A 19 18.75 9.74 -22.21
N MET A 20 19.23 9.13 -23.30
CA MET A 20 18.59 7.95 -23.87
C MET A 20 19.63 6.87 -24.06
N TRP A 21 19.22 5.63 -23.88
CA TRP A 21 20.13 4.50 -24.00
C TRP A 21 20.13 3.95 -25.40
N ASP A 22 21.29 4.01 -26.06
CA ASP A 22 21.46 3.39 -27.36
C ASP A 22 22.02 1.97 -27.22
N SER A 23 21.20 0.96 -27.50
CA SER A 23 21.59 -0.44 -27.23
C SER A 23 22.67 -0.91 -28.19
N ILE A 24 23.07 -0.02 -29.09
CA ILE A 24 24.14 -0.33 -30.05
C ILE A 24 25.52 0.08 -29.56
N ASP A 25 25.76 1.38 -29.49
CA ASP A 25 27.02 1.88 -28.99
C ASP A 25 27.18 1.63 -27.49
N GLN A 26 26.18 1.03 -26.86
CA GLN A 26 26.23 0.79 -25.43
C GLN A 26 26.63 2.03 -24.65
N LYS A 27 26.05 3.18 -24.99
CA LYS A 27 26.33 4.44 -24.30
C LYS A 27 25.08 5.28 -24.16
N TRP A 28 25.08 6.22 -23.22
CA TRP A 28 23.98 7.16 -23.10
C TRP A 28 24.23 8.37 -24.00
N THR A 29 23.18 8.88 -24.65
CA THR A 29 23.31 10.08 -25.46
C THR A 29 22.28 11.13 -25.06
N ARG A 30 22.62 12.40 -25.25
CA ARG A 30 21.79 13.52 -24.80
C ARG A 30 20.81 13.99 -25.88
N HIS A 31 19.52 13.96 -25.59
CA HIS A 31 18.49 14.33 -26.55
C HIS A 31 17.49 15.30 -25.92
N PHE A 32 16.99 16.25 -26.69
CA PHE A 32 15.94 17.17 -26.21
C PHE A 32 14.56 16.63 -26.45
N CYS A 33 13.77 16.54 -25.40
CA CYS A 33 12.45 15.90 -25.50
C CYS A 33 11.30 16.77 -25.05
N ALA A 34 10.11 16.44 -25.54
CA ALA A 34 8.92 17.20 -25.23
C ALA A 34 7.68 16.31 -25.22
N ILE A 35 6.68 16.70 -24.44
CA ILE A 35 5.42 16.01 -24.36
C ILE A 35 4.26 16.91 -24.76
N ALA A 36 3.58 16.55 -25.86
CA ALA A 36 2.37 17.23 -26.31
C ALA A 36 1.30 16.18 -26.55
N ASP A 37 0.07 16.49 -26.18
CA ASP A 37 -0.98 15.48 -26.23
C ASP A 37 -0.55 14.22 -25.50
N ALA A 38 -0.52 13.12 -26.23
CA ALA A 38 -0.10 11.87 -25.64
C ALA A 38 1.16 11.39 -26.34
N LYS A 39 1.97 12.34 -26.78
CA LYS A 39 3.14 12.01 -27.55
C LYS A 39 4.46 12.57 -26.95
N LEU A 40 5.50 11.74 -26.92
CA LEU A 40 6.82 12.14 -26.43
C LEU A 40 7.82 12.18 -27.57
N SER A 41 8.41 13.34 -27.82
CA SER A 41 9.32 13.48 -28.95
C SER A 41 10.74 13.59 -28.47
N PHE A 42 11.69 13.06 -29.25
CA PHE A 42 13.09 13.17 -28.92
C PHE A 42 13.93 13.47 -30.15
N SER A 43 14.87 14.40 -30.02
CA SER A 43 15.73 14.82 -31.12
C SER A 43 17.01 14.00 -31.23
N ASP A 44 17.88 14.35 -32.17
CA ASP A 44 19.12 13.61 -32.37
C ASP A 44 20.13 14.01 -31.31
N ASP A 45 21.22 13.26 -31.19
CA ASP A 45 22.26 13.53 -30.20
C ASP A 45 22.67 15.01 -30.27
N ILE A 46 22.32 15.78 -29.24
CA ILE A 46 22.56 17.23 -29.27
C ILE A 46 24.02 17.52 -29.07
N GLU A 47 24.81 16.45 -28.90
CA GLU A 47 26.26 16.57 -28.76
C GLU A 47 26.95 16.48 -30.11
N GLN A 48 26.35 15.71 -31.01
CA GLN A 48 26.96 15.40 -32.30
C GLN A 48 26.56 16.27 -33.41
N THR A 49 25.27 16.23 -33.56
CA THR A 49 24.67 17.11 -34.48
C THR A 49 25.68 18.26 -34.36
N MET A 50 26.10 18.56 -33.13
CA MET A 50 27.23 19.48 -32.91
C MET A 50 28.65 19.01 -33.37
N GLU A 51 29.04 17.77 -33.03
CA GLU A 51 30.32 17.21 -33.48
C GLU A 51 30.49 17.11 -35.00
N GLU A 52 29.40 17.28 -35.75
CA GLU A 52 29.46 17.16 -37.20
C GLU A 52 28.93 18.40 -37.88
N ASP A 53 28.63 19.43 -37.10
CA ASP A 53 28.09 20.65 -37.68
C ASP A 53 26.90 20.32 -38.57
N ASN A 54 26.19 19.24 -38.28
CA ASN A 54 25.19 18.78 -39.22
C ASN A 54 23.81 19.32 -38.97
N PRO A 55 23.27 20.13 -39.90
CA PRO A 55 21.94 20.77 -39.88
C PRO A 55 20.79 19.99 -40.48
N LEU A 56 20.98 18.72 -40.76
CA LEU A 56 19.86 17.84 -41.00
C LEU A 56 19.58 17.36 -39.60
N GLY A 57 20.51 17.73 -38.72
CA GLY A 57 20.42 17.45 -37.30
C GLY A 57 19.05 17.85 -36.83
N SER A 58 18.26 16.87 -36.50
CA SER A 58 16.86 17.12 -36.41
C SER A 58 16.34 17.25 -35.00
N LEU A 59 15.29 18.04 -34.85
CA LEU A 59 14.71 18.26 -33.54
C LEU A 59 13.59 17.27 -33.27
N CYS A 60 13.51 16.22 -34.07
CA CYS A 60 12.41 15.28 -33.91
C CYS A 60 12.65 13.95 -34.62
N ARG A 61 13.74 13.28 -34.26
CA ARG A 61 14.15 12.05 -34.93
C ARG A 61 13.18 10.92 -34.63
N GLY A 62 12.28 11.17 -33.71
CA GLY A 62 11.33 10.15 -33.31
C GLY A 62 10.19 10.68 -32.46
N ILE A 63 9.03 10.01 -32.53
CA ILE A 63 7.87 10.35 -31.71
C ILE A 63 7.19 9.11 -31.17
N LEU A 64 6.96 9.09 -29.86
CA LEU A 64 6.43 7.91 -29.19
C LEU A 64 5.00 8.15 -28.74
N ASP A 65 4.11 7.18 -28.96
CA ASP A 65 2.73 7.31 -28.49
C ASP A 65 2.60 6.71 -27.10
N LEU A 66 2.51 7.57 -26.10
CA LEU A 66 2.52 7.11 -24.73
C LEU A 66 1.32 6.21 -24.48
N ASN A 67 0.27 6.38 -25.27
CA ASN A 67 -0.92 5.56 -25.12
C ASN A 67 -0.57 4.09 -25.29
N THR A 68 0.47 3.81 -26.06
CA THR A 68 0.87 2.44 -26.33
C THR A 68 1.90 1.91 -25.34
N TYR A 69 2.43 2.80 -24.50
CA TYR A 69 3.51 2.46 -23.57
C TYR A 69 3.05 2.54 -22.10
N ASN A 70 3.88 2.03 -21.21
CA ASN A 70 3.72 2.21 -19.77
C ASN A 70 5.03 2.61 -19.10
N VAL A 71 4.95 3.29 -17.96
CA VAL A 71 6.16 3.78 -17.31
C VAL A 71 6.49 3.07 -16.03
N VAL A 72 7.67 2.47 -15.99
CA VAL A 72 8.20 1.88 -14.79
C VAL A 72 9.41 2.68 -14.39
N LYS A 73 9.68 2.76 -13.11
CA LYS A 73 10.90 3.38 -12.63
C LYS A 73 11.87 2.27 -12.25
N ALA A 74 13.16 2.53 -12.37
CA ALA A 74 14.15 1.50 -12.06
C ALA A 74 14.89 1.85 -10.80
N PRO A 75 14.47 1.27 -9.67
CA PRO A 75 15.03 1.60 -8.37
C PRO A 75 16.56 1.57 -8.41
N GLN A 76 17.13 0.43 -8.74
CA GLN A 76 18.57 0.23 -8.72
C GLN A 76 19.26 1.10 -9.76
N GLY A 77 18.51 1.70 -10.66
CA GLY A 77 19.10 2.43 -11.76
C GLY A 77 19.40 1.51 -12.94
N LYS A 78 20.20 1.96 -13.87
CA LYS A 78 20.59 1.11 -15.00
C LYS A 78 21.82 1.67 -15.71
N ASN A 79 22.66 0.77 -16.19
CA ASN A 79 23.83 1.16 -16.96
C ASN A 79 24.57 2.38 -16.41
N GLN A 80 24.88 2.38 -15.12
CA GLN A 80 25.74 3.39 -14.52
C GLN A 80 25.12 4.79 -14.43
N LYS A 81 23.81 4.87 -14.66
CA LYS A 81 23.06 6.11 -14.42
C LYS A 81 22.11 5.91 -13.23
N SER A 82 22.08 6.87 -12.31
CA SER A 82 21.34 6.71 -11.06
C SER A 82 19.83 6.84 -11.15
N PHE A 83 19.35 7.69 -12.03
CA PHE A 83 17.93 7.97 -12.07
C PHE A 83 17.38 7.71 -13.46
N VAL A 84 16.64 6.62 -13.61
CA VAL A 84 16.07 6.34 -14.92
C VAL A 84 14.63 5.86 -14.86
N PHE A 85 13.89 6.15 -15.91
CA PHE A 85 12.57 5.60 -16.09
C PHE A 85 12.57 4.86 -17.40
N ILE A 86 11.66 3.90 -17.55
CA ILE A 86 11.59 3.08 -18.74
C ILE A 86 10.17 3.08 -19.33
N LEU A 87 10.06 3.29 -20.64
CA LEU A 87 8.80 3.16 -21.34
C LEU A 87 8.69 1.76 -21.92
N GLU A 88 8.00 0.85 -21.26
CA GLU A 88 7.86 -0.50 -21.80
C GLU A 88 6.48 -0.65 -22.42
N PRO A 89 6.44 -1.25 -23.60
CA PRO A 89 5.32 -1.22 -24.53
C PRO A 89 4.25 -2.24 -24.25
N LYS A 90 3.24 -2.15 -25.12
CA LYS A 90 2.14 -3.08 -25.21
C LYS A 90 2.46 -4.17 -26.26
N GLN A 91 2.41 -3.84 -27.55
CA GLN A 91 2.70 -4.86 -28.58
C GLN A 91 4.10 -5.47 -28.33
N GLN A 92 4.24 -6.77 -28.56
CA GLN A 92 5.34 -7.55 -27.96
C GLN A 92 6.75 -7.22 -28.42
N GLY A 93 7.07 -7.54 -29.67
CA GLY A 93 8.43 -7.39 -30.16
C GLY A 93 8.99 -5.97 -30.25
N ASP A 94 8.18 -4.98 -29.88
CA ASP A 94 8.68 -3.62 -29.66
C ASP A 94 9.47 -3.65 -28.39
N PRO A 95 10.58 -2.96 -28.40
CA PRO A 95 11.62 -2.86 -27.37
C PRO A 95 11.33 -1.74 -26.43
N PRO A 96 11.94 -1.78 -25.24
CA PRO A 96 11.73 -0.76 -24.23
C PRO A 96 12.58 0.38 -24.62
N VAL A 97 12.12 1.59 -24.35
CA VAL A 97 12.92 2.77 -24.57
C VAL A 97 13.34 3.25 -23.20
N GLU A 98 14.63 3.45 -22.99
CA GLU A 98 15.15 3.73 -21.66
C GLU A 98 15.71 5.14 -21.54
N PHE A 99 15.08 5.96 -20.70
CA PHE A 99 15.48 7.36 -20.46
C PHE A 99 16.13 7.51 -19.09
N ALA A 100 16.90 8.58 -18.91
CA ALA A 100 17.54 8.86 -17.63
C ALA A 100 17.86 10.33 -17.49
N THR A 101 17.87 10.84 -16.27
CA THR A 101 18.07 12.27 -16.04
C THR A 101 19.15 12.52 -15.02
N ASP A 102 19.55 13.77 -14.88
CA ASP A 102 20.69 14.12 -14.05
C ASP A 102 20.34 14.17 -12.58
N LYS A 103 19.35 14.99 -12.22
CA LYS A 103 18.96 15.16 -10.83
C LYS A 103 17.72 14.31 -10.52
N VAL A 104 17.64 13.80 -9.29
CA VAL A 104 16.49 12.99 -8.88
C VAL A 104 15.15 13.72 -8.98
N GLU A 105 15.12 15.00 -8.66
CA GLU A 105 13.88 15.74 -8.81
C GLU A 105 13.31 15.68 -10.24
N GLU A 106 14.16 15.79 -11.25
CA GLU A 106 13.70 15.76 -12.64
C GLU A 106 13.06 14.43 -12.94
N LEU A 107 13.73 13.35 -12.58
CA LEU A 107 13.14 12.02 -12.74
C LEU A 107 11.70 11.97 -12.26
N PHE A 108 11.44 12.40 -11.03
CA PHE A 108 10.09 12.23 -10.49
C PHE A 108 9.12 13.13 -11.22
N GLU A 109 9.61 14.21 -11.81
CA GLU A 109 8.73 15.13 -12.52
C GLU A 109 8.32 14.60 -13.91
N TRP A 110 9.18 13.81 -14.53
CA TRP A 110 8.82 13.23 -15.81
C TRP A 110 7.91 12.05 -15.54
N PHE A 111 8.36 11.16 -14.67
CA PHE A 111 7.56 10.02 -14.28
C PHE A 111 6.15 10.46 -13.92
N GLN A 112 5.98 11.57 -13.21
CA GLN A 112 4.63 12.05 -12.96
C GLN A 112 3.92 12.41 -14.27
N SER A 113 4.49 13.30 -15.06
CA SER A 113 3.84 13.73 -16.28
C SER A 113 3.41 12.55 -17.13
N ILE A 114 4.30 11.58 -17.31
CA ILE A 114 4.02 10.49 -18.23
C ILE A 114 2.94 9.58 -17.69
N ARG A 115 2.91 9.36 -16.38
CA ARG A 115 1.87 8.48 -15.83
C ARG A 115 0.52 9.19 -15.73
N GLU A 116 0.55 10.48 -15.47
CA GLU A 116 -0.66 11.27 -15.52
C GLU A 116 -1.23 11.29 -16.94
N ILE A 117 -0.75 10.38 -17.79
CA ILE A 117 -1.17 10.33 -19.18
C ILE A 117 -1.40 8.92 -19.64
N THR A 118 -0.66 7.97 -19.08
CA THR A 118 -0.92 6.57 -19.40
C THR A 118 -2.03 6.00 -18.53
N TRP A 119 -2.40 6.68 -17.45
CA TRP A 119 -3.49 6.18 -16.62
C TRP A 119 -4.71 7.08 -16.75
N LYS A 120 -4.61 8.07 -17.64
CA LYS A 120 -5.68 9.02 -17.90
C LYS A 120 -6.42 9.51 -16.63
N GLU B 11 -15.16 -23.54 11.09
CA GLU B 11 -13.89 -22.89 11.38
C GLU B 11 -12.82 -23.21 10.33
N HIS B 12 -12.94 -22.54 9.17
CA HIS B 12 -11.97 -22.60 8.06
C HIS B 12 -11.10 -21.32 7.99
N LYS B 13 -10.08 -21.34 7.13
CA LYS B 13 -9.07 -20.27 7.18
C LYS B 13 -8.86 -19.57 5.84
N GLN B 14 -8.72 -18.24 5.87
CA GLN B 14 -8.62 -17.43 4.66
C GLN B 14 -7.18 -17.10 4.33
N GLN B 15 -6.77 -17.35 3.08
CA GLN B 15 -5.40 -17.08 2.66
C GLN B 15 -5.14 -17.35 1.18
N GLY B 16 -4.33 -16.48 0.58
CA GLY B 16 -3.95 -16.61 -0.82
C GLY B 16 -3.04 -15.48 -1.25
N GLU B 17 -2.79 -15.32 -2.56
CA GLU B 17 -1.99 -14.20 -3.04
C GLU B 17 -2.85 -12.95 -3.21
N LEU B 18 -2.26 -11.77 -2.98
CA LEU B 18 -2.97 -10.50 -3.17
C LEU B 18 -2.04 -9.47 -3.75
N TYR B 19 -2.59 -8.44 -4.38
CA TYR B 19 -1.80 -7.31 -4.82
C TYR B 19 -1.79 -6.28 -3.72
N MET B 20 -0.70 -5.56 -3.56
CA MET B 20 -0.63 -4.44 -2.62
C MET B 20 -0.10 -3.18 -3.31
N TRP B 21 -0.60 -2.03 -2.90
CA TRP B 21 -0.21 -0.77 -3.51
C TRP B 21 0.93 -0.11 -2.77
N ASP B 22 2.06 0.04 -3.44
CA ASP B 22 3.21 0.73 -2.88
C ASP B 22 3.16 2.18 -3.34
N SER B 23 2.86 3.07 -2.42
CA SER B 23 2.69 4.50 -2.74
C SER B 23 4.01 5.18 -3.09
N ILE B 24 5.10 4.42 -3.08
CA ILE B 24 6.40 4.95 -3.49
C ILE B 24 6.70 4.68 -4.95
N ASP B 25 6.89 3.42 -5.31
CA ASP B 25 7.17 3.06 -6.69
C ASP B 25 5.91 3.24 -7.55
N GLN B 26 4.80 3.63 -6.93
CA GLN B 26 3.55 3.81 -7.64
C GLN B 26 3.25 2.59 -8.49
N LYS B 27 3.41 1.40 -7.93
CA LYS B 27 3.12 0.16 -8.65
C LYS B 27 2.50 -0.88 -7.72
N TRP B 28 1.79 -1.85 -8.28
CA TRP B 28 1.24 -2.94 -7.49
C TRP B 28 2.28 -4.02 -7.40
N THR B 29 2.37 -4.65 -6.24
CA THR B 29 3.27 -5.79 -6.07
C THR B 29 2.54 -7.01 -5.50
N ARG B 30 3.02 -8.21 -5.82
CA ARG B 30 2.33 -9.45 -5.43
C ARG B 30 2.84 -10.01 -4.10
N HIS B 31 1.95 -10.14 -3.12
CA HIS B 31 2.32 -10.62 -1.80
C HIS B 31 1.42 -11.77 -1.34
N PHE B 32 1.98 -12.71 -0.59
CA PHE B 32 1.20 -13.79 0.01
C PHE B 32 0.65 -13.40 1.39
N CYS B 33 -0.67 -13.50 1.54
CA CYS B 33 -1.31 -13.04 2.74
C CYS B 33 -2.18 -14.11 3.42
N ALA B 34 -2.38 -13.93 4.72
CA ALA B 34 -3.15 -14.89 5.51
C ALA B 34 -3.83 -14.20 6.67
N ILE B 35 -4.95 -14.77 7.09
CA ILE B 35 -5.72 -14.26 8.20
C ILE B 35 -5.81 -15.31 9.31
N ALA B 36 -5.22 -14.98 10.47
CA ALA B 36 -5.34 -15.78 11.68
C ALA B 36 -5.79 -14.88 12.83
N ASP B 37 -6.73 -15.36 13.64
CA ASP B 37 -7.31 -14.52 14.67
C ASP B 37 -7.88 -13.25 14.04
N ALA B 38 -7.37 -12.11 14.48
CA ALA B 38 -7.82 -10.84 13.95
C ALA B 38 -6.64 -10.16 13.31
N LYS B 39 -5.75 -10.96 12.74
CA LYS B 39 -4.55 -10.42 12.15
C LYS B 39 -4.39 -10.82 10.66
N LEU B 40 -3.99 -9.85 9.84
CA LEU B 40 -3.70 -10.09 8.41
C LEU B 40 -2.21 -9.93 8.17
N SER B 41 -1.56 -10.98 7.68
CA SER B 41 -0.14 -10.92 7.43
C SER B 41 0.15 -10.90 5.93
N PHE B 42 1.20 -10.17 5.55
CA PHE B 42 1.62 -10.12 4.15
C PHE B 42 3.13 -10.22 4.01
N SER B 43 3.58 -11.03 3.04
CA SER B 43 5.01 -11.26 2.80
C SER B 43 5.64 -10.24 1.86
N ASP B 44 6.92 -10.43 1.54
CA ASP B 44 7.64 -9.54 0.63
C ASP B 44 7.26 -9.85 -0.82
N ASP B 45 7.58 -8.95 -1.73
CA ASP B 45 7.26 -9.13 -3.15
C ASP B 45 7.67 -10.53 -3.58
N ILE B 46 6.70 -11.38 -3.87
CA ILE B 46 6.98 -12.77 -4.23
C ILE B 46 7.53 -12.92 -5.63
N GLU B 47 7.61 -11.80 -6.34
CA GLU B 47 8.27 -11.75 -7.64
C GLU B 47 9.78 -11.49 -7.50
N GLN B 48 10.19 -10.78 -6.44
CA GLN B 48 11.60 -10.39 -6.25
C GLN B 48 12.58 -11.55 -5.90
N THR B 49 12.18 -12.81 -6.23
CA THR B 49 13.04 -14.00 -6.61
C THR B 49 12.98 -15.32 -5.83
N MET B 50 13.89 -15.43 -4.86
CA MET B 50 14.02 -16.60 -3.98
C MET B 50 14.58 -17.83 -4.69
N GLU B 51 15.71 -18.40 -4.20
CA GLU B 51 16.68 -17.83 -3.21
C GLU B 51 16.54 -18.23 -1.74
N GLU B 52 17.36 -19.16 -1.28
CA GLU B 52 17.25 -19.67 0.10
C GLU B 52 18.01 -18.85 1.13
N ASP B 53 18.14 -19.41 2.33
CA ASP B 53 18.84 -18.77 3.45
C ASP B 53 18.90 -17.26 3.26
N ASN B 54 18.01 -16.56 3.95
CA ASN B 54 17.75 -15.14 3.70
C ASN B 54 16.91 -15.05 2.41
N PRO B 55 16.72 -13.84 1.87
CA PRO B 55 17.34 -12.56 2.25
C PRO B 55 16.43 -11.68 3.08
N LEU B 56 15.94 -10.70 2.34
CA LEU B 56 14.74 -9.93 2.61
C LEU B 56 13.73 -10.50 1.62
N GLY B 57 13.60 -11.83 1.69
CA GLY B 57 12.50 -12.56 1.08
C GLY B 57 11.81 -13.34 2.19
N SER B 58 11.10 -12.60 3.03
CA SER B 58 10.46 -13.13 4.23
C SER B 58 8.98 -13.40 4.00
N LEU B 59 8.41 -14.32 4.77
CA LEU B 59 7.02 -14.70 4.60
C LEU B 59 6.12 -13.89 5.52
N CYS B 60 6.68 -12.84 6.10
CA CYS B 60 5.90 -12.05 7.04
C CYS B 60 6.49 -10.65 7.30
N ARG B 61 6.61 -9.84 6.25
CA ARG B 61 7.21 -8.51 6.35
C ARG B 61 6.34 -7.55 7.15
N GLY B 62 5.11 -7.94 7.40
CA GLY B 62 4.19 -7.09 8.13
C GLY B 62 2.98 -7.84 8.64
N ILE B 63 2.41 -7.33 9.72
CA ILE B 63 1.20 -7.89 10.28
C ILE B 63 0.23 -6.79 10.69
N LEU B 64 -1.02 -6.89 10.26
CA LEU B 64 -2.02 -5.86 10.52
C LEU B 64 -3.09 -6.34 11.50
N ASP B 65 -3.42 -5.50 12.48
CA ASP B 65 -4.50 -5.82 13.43
C ASP B 65 -5.81 -5.29 12.89
N LEU B 66 -6.62 -6.19 12.33
CA LEU B 66 -7.88 -5.81 11.72
C LEU B 66 -8.81 -5.11 12.71
N ASN B 67 -8.64 -5.42 14.00
CA ASN B 67 -9.43 -4.77 15.04
C ASN B 67 -9.27 -3.25 14.95
N THR B 68 -8.12 -2.79 14.47
CA THR B 68 -7.83 -1.36 14.41
C THR B 68 -8.26 -0.76 13.08
N TYR B 69 -8.60 -1.61 12.12
CA TYR B 69 -8.94 -1.15 10.77
C TYR B 69 -10.41 -1.36 10.42
N ASN B 70 -10.83 -0.78 9.30
CA ASN B 70 -12.12 -1.08 8.71
C ASN B 70 -12.02 -1.33 7.20
N VAL B 71 -12.99 -2.05 6.64
CA VAL B 71 -12.89 -2.41 5.23
C VAL B 71 -13.91 -1.75 4.36
N VAL B 72 -13.42 -1.01 3.39
CA VAL B 72 -14.29 -0.39 2.40
C VAL B 72 -13.95 -1.04 1.07
N LYS B 73 -14.94 -1.13 0.20
CA LYS B 73 -14.69 -1.58 -1.16
C LYS B 73 -14.67 -0.36 -2.08
N ALA B 74 -13.92 -0.44 -3.17
CA ALA B 74 -13.80 0.70 -4.07
C ALA B 74 -14.49 0.42 -5.37
N PRO B 75 -15.73 0.89 -5.50
CA PRO B 75 -16.55 0.56 -6.67
C PRO B 75 -15.78 0.80 -7.96
N GLN B 76 -15.34 2.04 -8.17
CA GLN B 76 -14.68 2.41 -9.40
C GLN B 76 -13.31 1.72 -9.57
N GLY B 77 -12.84 1.04 -8.53
CA GLY B 77 -11.52 0.44 -8.55
C GLY B 77 -10.47 1.45 -8.12
N LYS B 78 -9.20 1.19 -8.41
CA LYS B 78 -8.14 2.14 -8.08
C LYS B 78 -6.85 1.82 -8.84
N ASN B 79 -6.14 2.85 -9.25
CA ASN B 79 -4.87 2.66 -9.90
C ASN B 79 -4.84 1.54 -10.96
N GLN B 80 -5.80 1.56 -11.87
CA GLN B 80 -5.80 0.62 -12.99
C GLN B 80 -6.01 -0.85 -12.61
N LYS B 81 -6.46 -1.11 -11.37
CA LYS B 81 -6.86 -2.47 -10.97
C LYS B 81 -8.37 -2.49 -10.72
N SER B 82 -9.05 -3.50 -11.24
CA SER B 82 -10.53 -3.50 -11.25
C SER B 82 -11.17 -3.82 -9.93
N PHE B 83 -10.54 -4.69 -9.16
CA PHE B 83 -11.17 -5.16 -7.94
C PHE B 83 -10.26 -4.93 -6.74
N VAL B 84 -10.63 -3.97 -5.89
CA VAL B 84 -9.80 -3.70 -4.71
C VAL B 84 -10.62 -3.41 -3.50
N PHE B 85 -10.05 -3.72 -2.35
CA PHE B 85 -10.63 -3.34 -1.08
C PHE B 85 -9.57 -2.57 -0.34
N ILE B 86 -10.01 -1.73 0.60
CA ILE B 86 -9.11 -0.86 1.35
C ILE B 86 -9.28 -1.02 2.86
N LEU B 87 -8.17 -1.16 3.57
CA LEU B 87 -8.19 -1.18 5.02
C LEU B 87 -7.89 0.22 5.52
N GLU B 88 -8.92 0.98 5.86
CA GLU B 88 -8.71 2.31 6.43
C GLU B 88 -8.89 2.31 7.95
N PRO B 89 -7.91 2.92 8.64
CA PRO B 89 -7.66 2.79 10.08
C PRO B 89 -8.64 3.62 10.91
N LYS B 90 -8.69 3.38 12.22
CA LYS B 90 -9.52 4.23 13.06
C LYS B 90 -8.65 5.30 13.74
N GLN B 91 -7.34 5.13 13.66
CA GLN B 91 -6.37 5.96 14.40
C GLN B 91 -5.85 7.19 13.65
N GLN B 92 -6.75 8.11 13.27
CA GLN B 92 -6.34 9.39 12.71
C GLN B 92 -5.19 9.28 11.70
N GLY B 93 -5.52 9.23 10.42
CA GLY B 93 -4.61 8.69 9.43
C GLY B 93 -4.92 7.20 9.36
N ASP B 94 -3.96 6.34 9.72
CA ASP B 94 -2.57 6.73 9.77
C ASP B 94 -2.26 6.78 8.28
N PRO B 95 -1.99 5.61 7.66
CA PRO B 95 -2.34 5.53 6.24
C PRO B 95 -3.20 4.32 5.93
N PRO B 96 -3.90 4.39 4.80
CA PRO B 96 -4.72 3.28 4.34
C PRO B 96 -3.81 2.25 3.66
N VAL B 97 -4.12 0.97 3.83
CA VAL B 97 -3.42 -0.10 3.12
C VAL B 97 -4.35 -0.55 2.03
N GLU B 98 -3.86 -0.58 0.80
CA GLU B 98 -4.74 -0.86 -0.34
C GLU B 98 -4.44 -2.19 -1.02
N PHE B 99 -5.42 -3.10 -1.00
CA PHE B 99 -5.26 -4.45 -1.56
C PHE B 99 -6.10 -4.58 -2.81
N ALA B 100 -5.72 -5.51 -3.68
CA ALA B 100 -6.47 -5.79 -4.91
C ALA B 100 -6.26 -7.23 -5.38
N THR B 101 -7.24 -7.80 -6.08
CA THR B 101 -7.18 -9.19 -6.47
C THR B 101 -7.48 -9.33 -7.94
N ASP B 102 -7.21 -10.51 -8.49
CA ASP B 102 -7.39 -10.74 -9.94
C ASP B 102 -8.84 -10.93 -10.39
N LYS B 103 -9.53 -11.89 -9.78
CA LYS B 103 -10.91 -12.19 -10.14
C LYS B 103 -11.88 -11.54 -9.13
N VAL B 104 -13.04 -11.09 -9.64
CA VAL B 104 -14.04 -10.50 -8.76
C VAL B 104 -14.49 -11.42 -7.61
N GLU B 105 -14.64 -12.71 -7.88
CA GLU B 105 -15.07 -13.61 -6.83
C GLU B 105 -14.11 -13.57 -5.63
N GLU B 106 -12.81 -13.45 -5.89
CA GLU B 106 -11.84 -13.41 -4.80
C GLU B 106 -12.06 -12.18 -3.95
N LEU B 107 -12.17 -11.03 -4.60
CA LEU B 107 -12.46 -9.80 -3.87
C LEU B 107 -13.57 -9.99 -2.85
N PHE B 108 -14.71 -10.50 -3.28
CA PHE B 108 -15.80 -10.67 -2.32
C PHE B 108 -15.49 -11.68 -1.20
N GLU B 109 -14.84 -12.78 -1.57
CA GLU B 109 -14.36 -13.77 -0.60
C GLU B 109 -13.49 -13.10 0.47
N TRP B 110 -12.75 -12.07 0.07
CA TRP B 110 -11.84 -11.38 0.99
C TRP B 110 -12.59 -10.32 1.75
N PHE B 111 -13.39 -9.53 1.04
CA PHE B 111 -14.23 -8.57 1.72
C PHE B 111 -14.88 -9.30 2.89
N GLN B 112 -15.65 -10.36 2.57
CA GLN B 112 -16.44 -11.07 3.58
C GLN B 112 -15.65 -11.44 4.80
N SER B 113 -14.59 -12.23 4.61
CA SER B 113 -13.75 -12.66 5.73
C SER B 113 -13.35 -11.51 6.67
N ILE B 114 -12.85 -10.43 6.07
CA ILE B 114 -12.35 -9.33 6.88
C ILE B 114 -13.45 -8.61 7.62
N ARG B 115 -14.62 -8.46 6.99
CA ARG B 115 -15.72 -7.78 7.68
C ARG B 115 -16.37 -8.65 8.75
N GLU B 116 -16.41 -9.96 8.49
CA GLU B 116 -16.88 -10.94 9.47
C GLU B 116 -15.91 -10.99 10.65
N ILE B 117 -15.09 -9.96 10.79
CA ILE B 117 -14.10 -9.88 11.86
C ILE B 117 -14.00 -8.46 12.44
N THR B 118 -14.25 -7.45 11.60
CA THR B 118 -14.28 -6.06 12.09
C THR B 118 -15.67 -5.68 12.60
N LYS C 13 3.21 -19.04 -14.86
CA LYS C 13 4.03 -19.52 -13.75
C LYS C 13 3.16 -20.19 -12.70
N GLN C 14 3.64 -21.27 -12.10
CA GLN C 14 2.84 -22.06 -11.17
C GLN C 14 3.24 -21.80 -9.74
N GLN C 15 2.26 -21.49 -8.89
CA GLN C 15 2.51 -21.15 -7.49
C GLN C 15 1.26 -20.92 -6.64
N GLY C 16 1.30 -21.38 -5.40
CA GLY C 16 0.19 -21.29 -4.47
C GLY C 16 0.51 -21.97 -3.15
N GLU C 17 -0.47 -22.10 -2.26
CA GLU C 17 -0.20 -22.76 -0.98
C GLU C 17 -0.36 -24.26 -1.15
N LEU C 18 0.41 -25.03 -0.40
CA LEU C 18 0.33 -26.49 -0.47
C LEU C 18 0.50 -27.08 0.91
N TYR C 19 0.06 -28.31 1.10
CA TYR C 19 0.27 -28.99 2.35
C TYR C 19 1.54 -29.81 2.19
N MET C 20 2.29 -29.98 3.27
CA MET C 20 3.47 -30.85 3.25
C MET C 20 3.43 -31.80 4.46
N TRP C 21 3.93 -33.00 4.25
CA TRP C 21 3.92 -34.03 5.29
C TRP C 21 5.21 -34.04 6.05
N ASP C 22 5.13 -33.68 7.33
CA ASP C 22 6.29 -33.76 8.22
C ASP C 22 6.33 -35.13 8.90
N SER C 23 7.28 -35.98 8.51
CA SER C 23 7.34 -37.35 9.02
C SER C 23 7.73 -37.42 10.51
N ILE C 24 7.94 -36.27 11.13
CA ILE C 24 8.26 -36.19 12.55
C ILE C 24 7.05 -35.96 13.43
N ASP C 25 6.46 -34.78 13.33
CA ASP C 25 5.25 -34.48 14.10
C ASP C 25 4.05 -35.27 13.56
N GLN C 26 4.27 -36.06 12.51
CA GLN C 26 3.22 -36.84 11.88
C GLN C 26 1.99 -35.97 11.59
N LYS C 27 2.22 -34.78 11.03
CA LYS C 27 1.13 -33.85 10.76
C LYS C 27 1.37 -33.15 9.43
N TRP C 28 0.29 -32.62 8.82
CA TRP C 28 0.42 -31.81 7.61
C TRP C 28 0.61 -30.35 8.02
N THR C 29 1.49 -29.65 7.34
CA THR C 29 1.67 -28.23 7.61
C THR C 29 1.52 -27.43 6.33
N ARG C 30 1.08 -26.18 6.45
CA ARG C 30 0.81 -25.36 5.27
C ARG C 30 2.04 -24.54 4.85
N HIS C 31 2.47 -24.71 3.61
CA HIS C 31 3.61 -23.98 3.07
C HIS C 31 3.32 -23.32 1.73
N PHE C 32 3.89 -22.14 1.49
CA PHE C 32 3.75 -21.46 0.21
C PHE C 32 4.86 -21.90 -0.75
N CYS C 33 4.46 -22.37 -1.93
CA CYS C 33 5.38 -22.95 -2.88
C CYS C 33 5.34 -22.32 -4.28
N ALA C 34 6.45 -22.42 -5.00
CA ALA C 34 6.54 -21.85 -6.32
C ALA C 34 7.45 -22.67 -7.21
N ILE C 35 7.21 -22.61 -8.52
CA ILE C 35 8.03 -23.33 -9.48
C ILE C 35 8.63 -22.36 -10.47
N ALA C 36 9.96 -22.29 -10.45
CA ALA C 36 10.72 -21.50 -11.42
C ALA C 36 11.80 -22.38 -12.02
N ASP C 37 11.98 -22.28 -13.33
CA ASP C 37 12.88 -23.18 -14.03
C ASP C 37 12.47 -24.63 -13.74
N ALA C 38 13.38 -25.40 -13.14
CA ALA C 38 13.09 -26.78 -12.81
C ALA C 38 13.20 -26.93 -11.31
N LYS C 39 12.85 -25.87 -10.61
CA LYS C 39 12.98 -25.86 -9.16
C LYS C 39 11.65 -25.56 -8.43
N LEU C 40 11.38 -26.32 -7.37
CA LEU C 40 10.19 -26.12 -6.55
C LEU C 40 10.62 -25.65 -5.17
N SER C 41 10.16 -24.47 -4.76
CA SER C 41 10.56 -23.89 -3.48
C SER C 41 9.41 -23.89 -2.50
N PHE C 42 9.72 -24.12 -1.23
CA PHE C 42 8.69 -24.14 -0.20
C PHE C 42 9.12 -23.40 1.06
N SER C 43 8.22 -22.58 1.60
CA SER C 43 8.50 -21.77 2.78
C SER C 43 8.22 -22.48 4.09
N ASP C 44 8.40 -21.78 5.20
CA ASP C 44 8.18 -22.35 6.52
C ASP C 44 6.70 -22.37 6.81
N ASP C 45 6.29 -23.11 7.84
CA ASP C 45 4.89 -23.22 8.23
C ASP C 45 4.25 -21.84 8.30
N ILE C 46 3.37 -21.53 7.35
CA ILE C 46 2.79 -20.20 7.29
C ILE C 46 1.77 -19.99 8.37
N GLU C 47 1.57 -21.02 9.19
CA GLU C 47 0.69 -20.91 10.37
C GLU C 47 1.47 -20.50 11.61
N GLN C 48 2.74 -20.88 11.66
CA GLN C 48 3.57 -20.58 12.81
C GLN C 48 3.95 -19.10 12.90
N THR C 49 3.27 -18.25 12.12
CA THR C 49 3.32 -16.77 12.27
C THR C 49 2.68 -16.31 13.58
N MET C 50 2.90 -17.11 14.62
CA MET C 50 2.88 -16.68 16.01
C MET C 50 4.32 -16.79 16.58
N GLU C 51 5.07 -15.68 16.60
CA GLU C 51 6.42 -15.67 17.18
C GLU C 51 7.00 -14.27 17.41
N PRO C 55 6.46 -12.57 13.06
CA PRO C 55 7.45 -11.48 13.00
C PRO C 55 8.56 -11.73 11.97
N LEU C 56 8.90 -12.99 11.73
CA LEU C 56 9.97 -13.36 10.81
C LEU C 56 9.52 -14.46 9.84
N GLY C 57 10.13 -15.64 9.94
CA GLY C 57 9.77 -16.80 9.13
C GLY C 57 10.24 -16.66 7.69
N SER C 58 10.80 -17.72 7.11
CA SER C 58 11.41 -17.58 5.79
C SER C 58 10.49 -17.99 4.66
N LEU C 59 10.65 -17.37 3.52
CA LEU C 59 9.83 -17.70 2.37
C LEU C 59 10.54 -18.72 1.46
N CYS C 60 11.60 -19.34 1.96
CA CYS C 60 12.33 -20.29 1.15
C CYS C 60 13.17 -21.28 1.96
N ARG C 61 12.54 -22.03 2.86
CA ARG C 61 13.28 -22.91 3.77
C ARG C 61 13.89 -24.08 3.00
N GLY C 62 13.49 -24.24 1.74
CA GLY C 62 13.98 -25.34 0.94
C GLY C 62 13.70 -25.20 -0.53
N ILE C 63 14.57 -25.80 -1.34
CA ILE C 63 14.41 -25.78 -2.80
C ILE C 63 14.72 -27.16 -3.36
N LEU C 64 13.83 -27.65 -4.22
CA LEU C 64 13.94 -29.00 -4.75
C LEU C 64 14.21 -28.96 -6.24
N ASP C 65 15.16 -29.77 -6.70
CA ASP C 65 15.45 -29.87 -8.15
C ASP C 65 14.61 -30.96 -8.80
N LEU C 66 13.55 -30.55 -9.48
CA LEU C 66 12.61 -31.48 -10.04
C LEU C 66 13.31 -32.41 -11.00
N ASN C 67 14.41 -31.96 -11.60
CA ASN C 67 15.15 -32.79 -12.52
C ASN C 67 15.60 -34.09 -11.85
N THR C 68 15.78 -34.04 -10.54
CA THR C 68 16.23 -35.22 -9.78
C THR C 68 15.07 -36.07 -9.24
N TYR C 69 13.85 -35.57 -9.35
CA TYR C 69 12.67 -36.23 -8.80
C TYR C 69 11.72 -36.72 -9.89
N ASN C 70 10.74 -37.52 -9.48
CA ASN C 70 9.61 -37.89 -10.34
C ASN C 70 8.28 -37.73 -9.60
N VAL C 71 7.20 -37.54 -10.34
CA VAL C 71 5.91 -37.30 -9.70
C VAL C 71 4.95 -38.45 -9.86
N VAL C 72 4.51 -39.00 -8.74
CA VAL C 72 3.50 -40.02 -8.77
C VAL C 72 2.27 -39.44 -8.10
N LYS C 73 1.08 -39.90 -8.49
CA LYS C 73 -0.14 -39.51 -7.81
C LYS C 73 -0.55 -40.65 -6.91
N ALA C 74 -1.24 -40.35 -5.81
CA ALA C 74 -1.65 -41.37 -4.85
C ALA C 74 -3.16 -41.52 -4.85
N PRO C 75 -3.66 -42.48 -5.61
CA PRO C 75 -5.09 -42.67 -5.82
C PRO C 75 -5.82 -42.66 -4.49
N GLN C 76 -5.39 -43.54 -3.59
CA GLN C 76 -6.07 -43.73 -2.31
C GLN C 76 -5.88 -42.56 -1.37
N GLY C 77 -4.99 -41.66 -1.75
CA GLY C 77 -4.64 -40.53 -0.89
C GLY C 77 -3.59 -40.94 0.11
N LYS C 78 -3.37 -40.13 1.13
CA LYS C 78 -2.42 -40.48 2.16
C LYS C 78 -2.63 -39.69 3.44
N ASN C 79 -2.44 -40.34 4.58
CA ASN C 79 -2.56 -39.71 5.89
C ASN C 79 -3.77 -38.79 6.06
N GLN C 80 -4.94 -39.27 5.70
CA GLN C 80 -6.17 -38.53 5.93
C GLN C 80 -6.35 -37.28 5.07
N LYS C 81 -5.52 -37.13 4.04
CA LYS C 81 -5.72 -36.09 3.03
C LYS C 81 -6.12 -36.73 1.70
N SER C 82 -7.17 -36.20 1.08
CA SER C 82 -7.74 -36.80 -0.13
C SER C 82 -6.96 -36.64 -1.43
N PHE C 83 -6.29 -35.52 -1.62
CA PHE C 83 -5.63 -35.30 -2.88
C PHE C 83 -4.16 -35.01 -2.68
N VAL C 84 -3.31 -35.96 -3.04
CA VAL C 84 -1.88 -35.76 -2.85
C VAL C 84 -1.06 -36.25 -4.03
N PHE C 85 0.07 -35.59 -4.23
CA PHE C 85 1.08 -36.06 -5.16
C PHE C 85 2.38 -36.25 -4.41
N ILE C 86 3.26 -37.08 -4.96
CA ILE C 86 4.50 -37.41 -4.28
C ILE C 86 5.70 -37.23 -5.20
N LEU C 87 6.73 -36.55 -4.71
CA LEU C 87 7.97 -36.39 -5.45
C LEU C 87 8.90 -37.47 -4.95
N GLU C 88 9.02 -38.56 -5.70
CA GLU C 88 9.99 -39.58 -5.33
C GLU C 88 11.25 -39.50 -6.19
N PRO C 89 12.42 -39.60 -5.55
CA PRO C 89 13.73 -39.25 -6.10
C PRO C 89 14.26 -40.31 -7.04
N LYS C 90 15.17 -39.94 -7.93
CA LYS C 90 15.73 -40.89 -8.89
C LYS C 90 16.80 -41.72 -8.20
N GLN C 91 17.65 -41.04 -7.42
CA GLN C 91 18.61 -41.73 -6.56
C GLN C 91 18.17 -41.47 -5.15
N GLN C 92 17.86 -42.51 -4.38
CA GLN C 92 17.97 -43.91 -4.76
C GLN C 92 17.39 -44.65 -3.57
N GLY C 93 17.54 -44.03 -2.40
CA GLY C 93 16.88 -44.45 -1.19
C GLY C 93 16.45 -43.20 -0.44
N ASP C 94 16.96 -42.05 -0.88
CA ASP C 94 16.63 -40.74 -0.29
C ASP C 94 15.13 -40.58 -0.08
N PRO C 95 14.72 -39.52 0.62
CA PRO C 95 13.32 -39.69 1.00
C PRO C 95 12.37 -39.05 0.01
N PRO C 96 11.12 -39.50 0.00
CA PRO C 96 10.07 -38.90 -0.81
C PRO C 96 9.57 -37.65 -0.13
N VAL C 97 9.24 -36.63 -0.90
CA VAL C 97 8.60 -35.46 -0.35
C VAL C 97 7.14 -35.58 -0.72
N GLU C 98 6.26 -35.47 0.28
CA GLU C 98 4.82 -35.67 0.03
C GLU C 98 3.96 -34.40 0.18
N PHE C 99 3.36 -33.97 -0.92
CA PHE C 99 2.53 -32.76 -0.96
C PHE C 99 1.04 -33.11 -1.04
N ALA C 100 0.17 -32.17 -0.68
CA ALA C 100 -1.26 -32.38 -0.80
C ALA C 100 -1.98 -31.05 -0.88
N THR C 101 -3.13 -31.03 -1.55
CA THR C 101 -3.89 -29.80 -1.74
C THR C 101 -5.34 -29.95 -1.32
N ASP C 102 -6.05 -28.83 -1.27
CA ASP C 102 -7.43 -28.82 -0.77
C ASP C 102 -8.44 -29.32 -1.78
N LYS C 103 -8.47 -28.69 -2.96
CA LYS C 103 -9.43 -29.04 -4.00
C LYS C 103 -8.77 -29.98 -5.03
N VAL C 104 -9.54 -30.92 -5.58
CA VAL C 104 -9.02 -31.84 -6.59
C VAL C 104 -8.47 -31.11 -7.81
N GLU C 105 -9.11 -30.02 -8.20
CA GLU C 105 -8.62 -29.30 -9.38
C GLU C 105 -7.18 -28.83 -9.21
N GLU C 106 -6.85 -28.33 -8.04
CA GLU C 106 -5.49 -27.87 -7.80
C GLU C 106 -4.52 -29.01 -7.97
N LEU C 107 -4.79 -30.14 -7.33
CA LEU C 107 -3.95 -31.33 -7.47
C LEU C 107 -3.62 -31.52 -8.93
N PHE C 108 -4.62 -31.34 -9.78
CA PHE C 108 -4.40 -31.43 -11.23
C PHE C 108 -3.59 -30.28 -11.79
N GLU C 109 -3.80 -29.08 -11.25
CA GLU C 109 -3.14 -27.91 -11.81
C GLU C 109 -1.64 -28.00 -11.56
N TRP C 110 -1.26 -28.72 -10.52
CA TRP C 110 0.13 -28.80 -10.12
C TRP C 110 0.82 -29.98 -10.80
N PHE C 111 0.36 -31.18 -10.48
CA PHE C 111 0.82 -32.39 -11.10
C PHE C 111 1.14 -32.18 -12.57
N GLN C 112 0.21 -31.59 -13.33
CA GLN C 112 0.54 -31.27 -14.71
C GLN C 112 1.83 -30.47 -14.83
N SER C 113 1.89 -29.32 -14.16
CA SER C 113 3.08 -28.48 -14.22
C SER C 113 4.37 -29.24 -13.93
N ILE C 114 4.38 -30.04 -12.86
CA ILE C 114 5.57 -30.75 -12.46
C ILE C 114 5.96 -31.82 -13.46
N ARG C 115 4.99 -32.52 -14.04
CA ARG C 115 5.34 -33.54 -15.01
C ARG C 115 5.73 -32.95 -16.36
N GLU C 116 5.14 -31.80 -16.72
CA GLU C 116 5.54 -31.08 -17.93
C GLU C 116 6.95 -30.53 -17.78
N ILE C 117 7.67 -31.05 -16.79
CA ILE C 117 9.02 -30.60 -16.48
C ILE C 117 9.95 -31.78 -16.20
N THR C 118 9.43 -32.86 -15.65
CA THR C 118 10.24 -34.08 -15.43
C THR C 118 10.16 -35.07 -16.57
N TRP C 119 8.94 -35.26 -17.06
CA TRP C 119 8.69 -36.11 -18.21
C TRP C 119 8.69 -35.26 -19.49
N LYS C 120 9.85 -34.69 -19.81
CA LYS C 120 9.93 -33.67 -20.86
C LYS C 120 9.52 -34.21 -22.26
N LYS D 13 28.86 11.35 -3.26
CA LYS D 13 28.68 11.00 -1.85
C LYS D 13 27.28 11.38 -1.38
N GLN D 14 26.70 10.53 -0.53
CA GLN D 14 25.33 10.75 -0.07
C GLN D 14 25.28 11.35 1.33
N GLN D 15 24.49 12.41 1.49
CA GLN D 15 24.39 13.08 2.79
C GLN D 15 23.39 14.25 2.82
N GLY D 16 22.66 14.35 3.93
CA GLY D 16 21.71 15.43 4.14
C GLY D 16 21.00 15.26 5.48
N GLU D 17 19.95 16.05 5.74
CA GLU D 17 19.21 15.92 7.00
C GLU D 17 18.19 14.78 6.92
N LEU D 18 17.97 14.09 8.03
CA LEU D 18 16.99 13.01 8.09
C LEU D 18 16.24 13.05 9.41
N TYR D 19 15.05 12.47 9.43
CA TYR D 19 14.31 12.31 10.69
C TYR D 19 14.67 10.96 11.26
N MET D 20 14.80 10.89 12.59
CA MET D 20 15.01 9.62 13.30
C MET D 20 13.92 9.39 14.36
N TRP D 21 13.53 8.14 14.54
CA TRP D 21 12.48 7.79 15.49
C TRP D 21 13.09 7.41 16.82
N ASP D 22 12.79 8.21 17.85
CA ASP D 22 13.21 7.92 19.22
C ASP D 22 12.11 7.16 19.95
N SER D 23 12.30 5.86 20.14
CA SER D 23 11.27 5.01 20.73
C SER D 23 10.95 5.35 22.18
N ILE D 24 11.64 6.37 22.71
CA ILE D 24 11.41 6.80 24.09
C ILE D 24 10.44 7.94 24.17
N ASP D 25 10.86 9.11 23.69
CA ASP D 25 9.99 10.28 23.70
C ASP D 25 8.84 10.08 22.71
N GLN D 26 8.84 8.96 21.98
CA GLN D 26 7.83 8.72 20.95
C GLN D 26 7.67 9.91 20.00
N LYS D 27 8.79 10.44 19.51
CA LYS D 27 8.77 11.58 18.63
C LYS D 27 9.87 11.47 17.57
N TRP D 28 9.72 12.17 16.45
CA TRP D 28 10.76 12.22 15.44
C TRP D 28 11.68 13.39 15.78
N THR D 29 12.96 13.22 15.56
CA THR D 29 13.92 14.28 15.76
C THR D 29 14.81 14.45 14.52
N ARG D 30 15.30 15.66 14.30
CA ARG D 30 16.06 15.96 13.09
C ARG D 30 17.56 15.81 13.27
N HIS D 31 18.19 14.97 12.45
CA HIS D 31 19.62 14.70 12.58
C HIS D 31 20.31 14.78 11.23
N PHE D 32 21.56 15.24 11.22
CA PHE D 32 22.35 15.29 10.01
C PHE D 32 23.12 14.01 9.78
N CYS D 33 22.95 13.39 8.62
CA CYS D 33 23.57 12.10 8.39
C CYS D 33 24.43 12.07 7.13
N ALA D 34 25.36 11.13 7.10
CA ALA D 34 26.25 10.98 5.96
C ALA D 34 26.64 9.52 5.74
N ILE D 35 26.98 9.19 4.50
CA ILE D 35 27.39 7.83 4.17
C ILE D 35 28.78 7.83 3.57
N ALA D 36 29.72 7.19 4.27
CA ALA D 36 31.09 7.00 3.79
C ALA D 36 31.46 5.52 3.94
N ASP D 37 32.14 4.98 2.92
CA ASP D 37 32.40 3.55 2.89
C ASP D 37 31.10 2.80 3.04
N ALA D 38 31.01 2.00 4.09
CA ALA D 38 29.79 1.27 4.34
C ALA D 38 29.22 1.69 5.69
N LYS D 39 29.42 2.96 6.04
CA LYS D 39 28.99 3.44 7.33
C LYS D 39 28.03 4.64 7.23
N LEU D 40 26.98 4.66 8.03
CA LEU D 40 26.02 5.76 8.03
C LEU D 40 26.10 6.44 9.37
N SER D 41 26.43 7.73 9.37
CA SER D 41 26.60 8.50 10.60
C SER D 41 25.46 9.48 10.86
N PHE D 42 25.09 9.64 12.13
CA PHE D 42 24.04 10.58 12.48
C PHE D 42 24.41 11.42 13.70
N SER D 43 24.19 12.73 13.61
CA SER D 43 24.48 13.66 14.70
C SER D 43 23.33 13.79 15.71
N ASP D 44 23.52 14.66 16.70
CA ASP D 44 22.51 14.87 17.75
C ASP D 44 21.40 15.74 17.21
N ASP D 45 20.30 15.83 17.95
CA ASP D 45 19.14 16.65 17.56
C ASP D 45 19.61 18.04 17.15
N ILE D 46 19.56 18.35 15.85
CA ILE D 46 20.05 19.64 15.35
C ILE D 46 19.11 20.77 15.73
N GLU D 47 18.00 20.43 16.37
CA GLU D 47 17.07 21.43 16.88
C GLU D 47 17.45 21.85 18.30
N GLN D 48 18.07 20.94 19.04
CA GLN D 48 18.39 21.18 20.45
C GLN D 48 19.55 22.20 20.66
N THR D 49 19.86 22.99 19.60
CA THR D 49 20.63 24.28 19.63
C THR D 49 22.19 24.26 19.57
N PRO D 55 30.62 18.60 24.22
CA PRO D 55 29.65 19.64 24.54
C PRO D 55 28.30 19.28 23.97
N LEU D 56 27.88 18.03 24.20
CA LEU D 56 26.59 17.48 23.70
C LEU D 56 25.56 18.53 23.27
N GLY D 57 25.10 18.50 22.00
CA GLY D 57 25.35 17.43 21.03
C GLY D 57 26.75 17.13 20.49
N SER D 58 26.90 17.17 19.17
CA SER D 58 28.02 16.55 18.44
C SER D 58 27.58 16.21 17.01
N LEU D 59 28.53 16.15 16.09
CA LEU D 59 28.20 15.85 14.70
C LEU D 59 28.28 14.34 14.39
N CYS D 60 28.33 13.52 15.41
CA CYS D 60 28.49 12.09 15.16
C CYS D 60 28.18 11.24 16.38
N ARG D 61 26.96 11.38 16.90
CA ARG D 61 26.56 10.70 18.13
C ARG D 61 26.46 9.20 17.93
N GLY D 62 26.54 8.77 16.67
CA GLY D 62 26.42 7.35 16.37
C GLY D 62 26.87 7.02 14.96
N ILE D 63 27.35 5.79 14.78
CA ILE D 63 27.77 5.31 13.46
C ILE D 63 27.29 3.88 13.22
N LEU D 64 26.63 3.64 12.10
CA LEU D 64 26.05 2.34 11.82
C LEU D 64 26.81 1.64 10.70
N ASP D 65 27.08 0.35 10.88
CA ASP D 65 27.72 -0.43 9.82
C ASP D 65 26.67 -1.07 8.93
N LEU D 66 26.47 -0.49 7.75
CA LEU D 66 25.43 -0.94 6.84
C LEU D 66 25.64 -2.40 6.46
N ASN D 67 26.88 -2.87 6.48
CA ASN D 67 27.14 -4.27 6.19
C ASN D 67 26.34 -5.20 7.12
N THR D 68 26.03 -4.72 8.31
CA THR D 68 25.34 -5.53 9.29
C THR D 68 23.83 -5.36 9.22
N TYR D 69 23.39 -4.37 8.45
CA TYR D 69 21.97 -4.05 8.35
C TYR D 69 21.38 -4.36 6.97
N ASN D 70 20.05 -4.28 6.88
CA ASN D 70 19.35 -4.34 5.59
C ASN D 70 18.31 -3.25 5.50
N VAL D 71 17.94 -2.85 4.28
CA VAL D 71 16.99 -1.76 4.15
C VAL D 71 15.66 -2.19 3.57
N VAL D 72 14.61 -1.96 4.34
CA VAL D 72 13.26 -2.17 3.89
C VAL D 72 12.58 -0.81 3.78
N LYS D 73 11.62 -0.71 2.88
CA LYS D 73 10.84 0.51 2.82
C LYS D 73 9.49 0.22 3.45
N ALA D 74 8.85 1.24 4.01
CA ALA D 74 7.55 1.05 4.66
C ALA D 74 6.46 1.71 3.85
N PRO D 75 5.72 0.92 3.07
CA PRO D 75 4.73 1.45 2.13
C PRO D 75 3.74 2.36 2.83
N GLN D 76 3.13 1.83 3.88
CA GLN D 76 2.13 2.55 4.64
C GLN D 76 2.73 3.74 5.40
N GLY D 77 4.05 3.81 5.50
CA GLY D 77 4.68 4.83 6.32
C GLY D 77 4.77 4.35 7.77
N LYS D 78 5.03 5.27 8.69
CA LYS D 78 5.11 4.89 10.10
C LYS D 78 5.05 6.13 10.99
N ASN D 79 4.36 5.99 12.12
CA ASN D 79 4.27 7.07 13.10
C ASN D 79 3.99 8.45 12.52
N GLN D 80 2.95 8.54 11.69
CA GLN D 80 2.52 9.82 11.15
C GLN D 80 3.55 10.51 10.23
N LYS D 81 4.56 9.77 9.76
CA LYS D 81 5.44 10.27 8.71
C LYS D 81 5.22 9.48 7.43
N SER D 82 5.12 10.17 6.29
CA SER D 82 4.73 9.55 5.03
C SER D 82 5.82 8.71 4.34
N PHE D 83 7.06 9.17 4.40
CA PHE D 83 8.12 8.50 3.68
C PHE D 83 9.24 8.05 4.62
N VAL D 84 9.30 6.75 4.89
CA VAL D 84 10.34 6.21 5.76
C VAL D 84 10.96 4.91 5.28
N PHE D 85 12.23 4.73 5.63
CA PHE D 85 12.92 3.48 5.37
C PHE D 85 13.46 3.01 6.69
N ILE D 86 13.69 1.71 6.78
CA ILE D 86 14.09 1.09 8.04
C ILE D 86 15.33 0.25 7.86
N LEU D 87 16.32 0.45 8.73
CA LEU D 87 17.50 -0.40 8.75
C LEU D 87 17.27 -1.53 9.74
N GLU D 88 16.91 -2.71 9.26
CA GLU D 88 16.74 -3.84 10.19
C GLU D 88 17.91 -4.80 10.09
N PRO D 89 18.41 -5.22 11.25
CA PRO D 89 19.74 -5.82 11.45
C PRO D 89 19.75 -7.26 11.03
N LYS D 90 20.94 -7.77 10.74
CA LYS D 90 21.14 -9.15 10.32
C LYS D 90 21.94 -9.92 11.37
N GLY D 93 20.27 -9.54 18.45
CA GLY D 93 19.22 -8.61 18.07
C GLY D 93 19.73 -7.40 17.30
N ASP D 94 19.81 -6.27 17.99
CA ASP D 94 20.28 -4.97 17.48
C ASP D 94 19.17 -4.10 16.82
N PRO D 95 18.12 -3.71 17.60
CA PRO D 95 16.80 -3.12 17.26
C PRO D 95 16.84 -2.46 15.89
N PRO D 96 15.67 -2.21 15.30
CA PRO D 96 15.65 -1.53 14.02
C PRO D 96 15.89 -0.05 14.23
N VAL D 97 16.61 0.58 13.30
CA VAL D 97 16.74 2.02 13.31
C VAL D 97 15.80 2.56 12.26
N GLU D 98 14.92 3.49 12.63
CA GLU D 98 13.90 3.96 11.69
C GLU D 98 14.12 5.40 11.23
N PHE D 99 14.36 5.59 9.94
CA PHE D 99 14.59 6.92 9.37
C PHE D 99 13.38 7.39 8.55
N ALA D 100 13.25 8.71 8.38
CA ALA D 100 12.20 9.25 7.50
C ALA D 100 12.63 10.58 6.89
N THR D 101 12.09 10.91 5.72
CA THR D 101 12.46 12.15 5.03
C THR D 101 11.24 12.98 4.64
N ASP D 102 11.48 14.23 4.24
CA ASP D 102 10.40 15.16 3.93
C ASP D 102 9.72 14.87 2.59
N LYS D 103 10.52 14.89 1.52
CA LYS D 103 10.00 14.69 0.16
C LYS D 103 10.20 13.24 -0.31
N VAL D 104 9.23 12.72 -1.07
CA VAL D 104 9.34 11.35 -1.55
C VAL D 104 10.60 11.12 -2.33
N GLU D 105 11.00 12.10 -3.12
CA GLU D 105 12.21 11.93 -3.93
C GLU D 105 13.45 11.65 -3.08
N GLU D 106 13.55 12.31 -1.94
CA GLU D 106 14.67 12.06 -1.04
C GLU D 106 14.66 10.60 -0.58
N LEU D 107 13.52 10.15 -0.07
CA LEU D 107 13.42 8.76 0.35
C LEU D 107 14.04 7.89 -0.73
N PHE D 108 13.70 8.20 -1.97
CA PHE D 108 14.13 7.43 -3.11
C PHE D 108 15.63 7.42 -3.28
N GLU D 109 16.25 8.58 -3.05
CA GLU D 109 17.71 8.71 -3.14
C GLU D 109 18.38 7.87 -2.05
N TRP D 110 18.03 8.14 -0.79
CA TRP D 110 18.63 7.41 0.33
C TRP D 110 18.48 5.94 0.10
N PHE D 111 17.28 5.53 -0.26
CA PHE D 111 17.03 4.13 -0.42
C PHE D 111 18.10 3.61 -1.32
N GLN D 112 18.10 4.08 -2.54
CA GLN D 112 19.05 3.59 -3.50
C GLN D 112 20.45 3.47 -2.93
N SER D 113 20.98 4.57 -2.41
CA SER D 113 22.34 4.58 -1.93
C SER D 113 22.61 3.44 -0.96
N ILE D 114 21.75 3.28 0.04
CA ILE D 114 21.98 2.27 1.06
C ILE D 114 21.92 0.84 0.50
N ARG D 115 21.01 0.57 -0.42
CA ARG D 115 20.93 -0.78 -0.97
C ARG D 115 22.07 -1.07 -1.95
N GLU D 116 22.49 -0.06 -2.69
CA GLU D 116 23.64 -0.20 -3.57
C GLU D 116 24.89 -0.43 -2.73
N ILE D 117 24.69 -0.82 -1.47
CA ILE D 117 25.80 -1.01 -0.55
C ILE D 117 25.56 -2.25 0.29
N THR D 118 24.31 -2.58 0.56
CA THR D 118 24.02 -3.82 1.26
C THR D 118 23.85 -4.98 0.28
N LYS E 13 14.02 28.49 8.53
CA LYS E 13 15.40 28.52 9.02
C LYS E 13 16.32 27.93 7.96
N GLN E 14 17.50 28.51 7.80
CA GLN E 14 18.42 28.11 6.74
C GLN E 14 19.52 27.21 7.28
N GLN E 15 19.76 26.08 6.61
CA GLN E 15 20.79 25.16 7.08
C GLN E 15 20.98 23.97 6.16
N GLY E 16 22.22 23.53 6.00
CA GLY E 16 22.56 22.37 5.18
C GLY E 16 24.06 22.17 5.14
N GLU E 17 24.54 21.27 4.28
CA GLU E 17 25.98 21.08 4.14
C GLU E 17 26.60 22.12 3.19
N LEU E 18 27.85 22.50 3.44
CA LEU E 18 28.55 23.47 2.62
C LEU E 18 30.01 23.08 2.50
N TYR E 19 30.68 23.60 1.49
CA TYR E 19 32.11 23.42 1.37
C TYR E 19 32.82 24.61 2.02
N MET E 20 33.94 24.37 2.68
CA MET E 20 34.76 25.45 3.22
C MET E 20 36.21 25.34 2.72
N TRP E 21 36.81 26.50 2.48
CA TRP E 21 38.18 26.56 1.96
C TRP E 21 39.18 26.64 3.09
N ASP E 22 40.00 25.61 3.22
CA ASP E 22 41.08 25.61 4.19
C ASP E 22 42.37 26.12 3.52
N SER E 23 42.78 27.35 3.87
CA SER E 23 43.94 27.98 3.22
C SER E 23 45.26 27.27 3.53
N ILE E 24 45.19 26.23 4.37
CA ILE E 24 46.37 25.47 4.75
C ILE E 24 46.58 24.27 3.85
N ASP E 25 45.71 23.27 3.98
CA ASP E 25 45.81 22.08 3.14
C ASP E 25 45.46 22.42 1.68
N GLN E 26 45.11 23.67 1.43
CA GLN E 26 44.71 24.09 0.08
C GLN E 26 43.68 23.12 -0.51
N LYS E 27 42.64 22.78 0.27
CA LYS E 27 41.59 21.88 -0.20
C LYS E 27 40.24 22.31 0.34
N TRP E 28 39.16 21.91 -0.33
CA TRP E 28 37.84 22.14 0.20
C TRP E 28 37.46 20.99 1.14
N THR E 29 36.77 21.32 2.23
CA THR E 29 36.26 20.31 3.14
C THR E 29 34.78 20.49 3.40
N ARG E 30 34.09 19.38 3.68
CA ARG E 30 32.63 19.42 3.86
C ARG E 30 32.21 19.64 5.32
N HIS E 31 31.44 20.71 5.56
CA HIS E 31 30.99 21.04 6.91
C HIS E 31 29.48 21.29 6.98
N PHE E 32 28.83 20.89 8.06
CA PHE E 32 27.42 21.19 8.23
C PHE E 32 27.22 22.54 8.90
N CYS E 33 26.42 23.40 8.27
CA CYS E 33 26.26 24.78 8.74
C CYS E 33 24.81 25.17 8.97
N ALA E 34 24.63 26.18 9.83
CA ALA E 34 23.31 26.65 10.19
C ALA E 34 23.31 28.14 10.50
N ILE E 35 22.16 28.76 10.29
CA ILE E 35 21.97 30.17 10.58
C ILE E 35 20.83 30.38 11.57
N ALA E 36 21.19 30.89 12.74
CA ALA E 36 20.24 31.32 13.77
C ALA E 36 20.58 32.75 14.20
N ASP E 37 19.54 33.55 14.39
CA ASP E 37 19.75 34.97 14.66
C ASP E 37 20.61 35.59 13.55
N ALA E 38 21.77 36.10 13.93
CA ALA E 38 22.67 36.69 12.97
C ALA E 38 23.98 35.94 13.04
N LYS E 39 23.88 34.64 13.33
CA LYS E 39 25.09 33.82 13.50
C LYS E 39 25.12 32.62 12.55
N LEU E 40 26.29 32.36 11.96
CA LEU E 40 26.47 31.22 11.06
C LEU E 40 27.44 30.23 11.69
N SER E 41 26.96 29.01 11.95
CA SER E 41 27.78 27.99 12.62
C SER E 41 28.22 26.90 11.66
N PHE E 42 29.45 26.41 11.85
CA PHE E 42 29.97 25.35 11.01
C PHE E 42 30.72 24.30 11.82
N SER E 43 30.42 23.03 11.54
CA SER E 43 31.01 21.90 12.25
C SER E 43 32.35 21.46 11.64
N ASP E 44 32.93 20.39 12.20
CA ASP E 44 34.23 19.89 11.73
C ASP E 44 34.04 19.08 10.46
N ASP E 45 35.15 18.76 9.79
CA ASP E 45 35.09 17.98 8.56
C ASP E 45 34.23 16.73 8.78
N ILE E 46 33.04 16.72 8.18
CA ILE E 46 32.09 15.61 8.35
C ILE E 46 32.56 14.37 7.64
N GLU E 47 33.68 14.47 6.92
CA GLU E 47 34.29 13.34 6.25
C GLU E 47 35.29 12.65 7.17
N GLN E 48 35.89 13.42 8.08
CA GLN E 48 36.94 12.90 8.95
C GLN E 48 36.46 12.17 10.20
N THR E 49 35.23 12.35 10.61
CA THR E 49 34.88 11.63 11.83
C THR E 49 34.86 10.11 11.56
N MET E 50 34.40 9.71 10.38
CA MET E 50 34.48 8.30 9.98
C MET E 50 35.92 7.86 9.71
N PRO E 55 35.42 8.55 15.22
CA PRO E 55 34.06 8.46 15.75
C PRO E 55 33.85 9.41 16.95
N LEU E 56 33.97 10.72 16.71
CA LEU E 56 33.94 11.72 17.80
C LEU E 56 33.11 12.97 17.48
N GLY E 57 33.75 13.95 16.83
CA GLY E 57 33.09 15.07 16.14
C GLY E 57 32.69 16.27 16.98
N SER E 58 32.92 17.49 16.46
CA SER E 58 32.06 18.57 16.97
C SER E 58 31.13 19.16 15.93
N LEU E 59 29.91 19.47 16.37
CA LEU E 59 28.93 20.02 15.47
C LEU E 59 28.97 21.55 15.48
N CYS E 60 30.03 22.12 16.03
CA CYS E 60 30.11 23.58 16.16
C CYS E 60 31.53 24.10 16.41
N ARG E 61 32.47 23.75 15.54
CA ARG E 61 33.87 24.12 15.72
C ARG E 61 34.07 25.62 15.56
N GLY E 62 33.02 26.31 15.09
CA GLY E 62 33.11 27.74 14.90
C GLY E 62 31.76 28.42 14.75
N ILE E 63 31.69 29.70 15.13
CA ILE E 63 30.49 30.51 14.95
C ILE E 63 30.89 31.91 14.46
N LEU E 64 30.20 32.38 13.41
CA LEU E 64 30.52 33.65 12.80
C LEU E 64 29.39 34.64 13.01
N ASP E 65 29.74 35.87 13.38
CA ASP E 65 28.74 36.94 13.52
C ASP E 65 28.59 37.67 12.19
N LEU E 66 27.48 37.37 11.51
CA LEU E 66 27.23 37.93 10.19
C LEU E 66 27.17 39.45 10.26
N ASN E 67 26.78 39.99 11.42
CA ASN E 67 26.73 41.43 11.60
C ASN E 67 28.07 42.10 11.31
N THR E 68 29.15 41.34 11.54
CA THR E 68 30.50 41.85 11.35
C THR E 68 31.03 41.60 9.93
N TYR E 69 30.31 40.77 9.18
CA TYR E 69 30.74 40.38 7.84
C TYR E 69 29.84 40.93 6.73
N ASN E 70 30.31 40.79 5.49
CA ASN E 70 29.52 41.07 4.29
C ASN E 70 29.63 39.92 3.27
N VAL E 71 28.63 39.79 2.41
CA VAL E 71 28.62 38.66 1.47
C VAL E 71 28.79 39.10 0.03
N VAL E 72 29.85 38.62 -0.60
CA VAL E 72 30.07 38.88 -2.00
C VAL E 72 29.92 37.55 -2.69
N LYS E 73 29.48 37.57 -3.95
CA LYS E 73 29.49 36.36 -4.74
C LYS E 73 30.69 36.40 -5.69
N ALA E 74 31.19 35.23 -6.05
CA ALA E 74 32.35 35.15 -6.92
C ALA E 74 31.95 34.62 -8.28
N PRO E 75 31.74 35.52 -9.25
CA PRO E 75 31.25 35.15 -10.57
C PRO E 75 32.10 34.01 -11.17
N GLN E 76 33.39 34.25 -11.32
CA GLN E 76 34.30 33.28 -11.93
C GLN E 76 34.44 32.00 -11.11
N GLY E 77 33.94 32.01 -9.88
CA GLY E 77 34.17 30.90 -8.96
C GLY E 77 35.49 31.06 -8.23
N LYS E 78 35.99 29.99 -7.65
CA LYS E 78 37.30 30.03 -6.97
C LYS E 78 37.82 28.64 -6.68
N ASN E 79 39.13 28.48 -6.78
CA ASN E 79 39.76 27.20 -6.47
C ASN E 79 39.03 25.97 -7.03
N GLN E 80 38.69 26.01 -8.32
CA GLN E 80 38.11 24.84 -8.98
C GLN E 80 36.71 24.42 -8.48
N LYS E 81 36.04 25.30 -7.73
CA LYS E 81 34.62 25.13 -7.39
C LYS E 81 33.78 26.19 -8.12
N SER E 82 32.66 25.76 -8.72
CA SER E 82 31.89 26.64 -9.61
C SER E 82 31.04 27.68 -8.89
N PHE E 83 30.48 27.30 -7.75
CA PHE E 83 29.56 28.20 -7.07
C PHE E 83 30.03 28.52 -5.64
N VAL E 84 30.53 29.74 -5.44
CA VAL E 84 30.97 30.13 -4.11
C VAL E 84 30.51 31.52 -3.73
N PHE E 85 30.33 31.72 -2.43
CA PHE E 85 30.13 33.04 -1.87
C PHE E 85 31.19 33.26 -0.83
N ILE E 86 31.50 34.52 -0.55
CA ILE E 86 32.55 34.86 0.39
C ILE E 86 32.06 35.82 1.49
N LEU E 87 32.42 35.52 2.74
CA LEU E 87 32.13 36.39 3.86
C LEU E 87 33.37 37.22 4.12
N GLU E 88 33.39 38.44 3.60
CA GLU E 88 34.52 39.33 3.89
C GLU E 88 34.16 40.34 4.96
N PRO E 89 35.07 40.50 5.94
CA PRO E 89 34.84 41.17 7.22
C PRO E 89 34.80 42.69 7.04
N LYS E 90 34.06 43.40 7.87
CA LYS E 90 34.08 44.86 7.72
C LYS E 90 35.27 45.49 8.49
N GLN E 91 36.12 44.64 9.09
CA GLN E 91 37.34 45.08 9.78
C GLN E 91 38.60 44.50 9.13
N GLN E 92 39.57 45.38 8.85
CA GLN E 92 40.91 45.00 8.39
C GLN E 92 41.31 43.56 8.77
N PRO E 95 40.55 37.71 8.20
CA PRO E 95 40.56 37.02 6.90
C PRO E 95 39.15 36.74 6.38
N PRO E 96 39.05 36.51 5.06
CA PRO E 96 37.77 36.15 4.46
C PRO E 96 37.53 34.68 4.71
N VAL E 97 36.27 34.33 4.94
CA VAL E 97 35.86 32.93 5.02
C VAL E 97 35.18 32.61 3.70
N GLU E 98 35.67 31.57 3.02
CA GLU E 98 35.16 31.21 1.69
C GLU E 98 34.34 29.92 1.68
N PHE E 99 33.05 30.04 1.35
CA PHE E 99 32.14 28.91 1.25
C PHE E 99 31.83 28.57 -0.21
N ALA E 100 31.41 27.33 -0.46
CA ALA E 100 30.98 26.91 -1.80
C ALA E 100 29.97 25.76 -1.72
N THR E 101 29.09 25.68 -2.71
CA THR E 101 28.02 24.67 -2.70
C THR E 101 27.99 23.89 -4.00
N ASP E 102 27.25 22.77 -4.00
CA ASP E 102 27.24 21.88 -5.15
C ASP E 102 26.41 22.40 -6.31
N LYS E 103 25.14 22.70 -6.05
CA LYS E 103 24.22 23.16 -7.10
C LYS E 103 24.09 24.68 -7.07
N VAL E 104 23.95 25.30 -8.24
CA VAL E 104 23.79 26.75 -8.31
C VAL E 104 22.59 27.25 -7.50
N GLU E 105 21.49 26.52 -7.51
CA GLU E 105 20.31 26.97 -6.77
C GLU E 105 20.62 27.15 -5.27
N GLU E 106 21.41 26.25 -4.69
CA GLU E 106 21.76 26.36 -3.28
C GLU E 106 22.53 27.65 -3.05
N LEU E 107 23.55 27.89 -3.86
CA LEU E 107 24.33 29.11 -3.74
C LEU E 107 23.43 30.34 -3.60
N PHE E 108 22.50 30.51 -4.50
CA PHE E 108 21.73 31.72 -4.46
C PHE E 108 20.94 31.85 -3.16
N GLU E 109 20.53 30.73 -2.57
CA GLU E 109 19.82 30.76 -1.30
C GLU E 109 20.74 31.25 -0.20
N TRP E 110 21.84 30.53 -0.01
CA TRP E 110 22.83 30.88 1.00
C TRP E 110 23.29 32.32 0.83
N PHE E 111 23.01 32.87 -0.32
CA PHE E 111 23.35 34.24 -0.57
C PHE E 111 22.18 35.08 -0.11
N GLN E 112 20.99 34.70 -0.53
CA GLN E 112 19.83 35.47 -0.12
C GLN E 112 19.74 35.53 1.39
N SER E 113 19.71 34.37 2.04
CA SER E 113 19.54 34.34 3.49
C SER E 113 20.54 35.24 4.19
N ILE E 114 21.80 35.12 3.84
CA ILE E 114 22.86 35.88 4.52
C ILE E 114 22.74 37.39 4.29
N ARG E 115 22.36 37.80 3.09
CA ARG E 115 22.26 39.24 2.81
C ARG E 115 20.98 39.82 3.38
N GLU E 116 19.91 39.02 3.42
CA GLU E 116 18.68 39.42 4.09
C GLU E 116 18.94 39.55 5.61
N ILE E 117 20.21 39.60 5.99
CA ILE E 117 20.61 39.69 7.39
C ILE E 117 21.73 40.70 7.58
N THR E 118 22.60 40.85 6.58
CA THR E 118 23.62 41.89 6.67
C THR E 118 23.06 43.26 6.23
N TRP E 119 21.86 43.26 5.66
CA TRP E 119 21.13 44.50 5.33
C TRP E 119 19.85 44.63 6.17
N LYS F 13 28.71 19.61 -18.81
CA LYS F 13 28.31 20.21 -20.09
C LYS F 13 27.13 21.13 -19.90
N GLN F 14 27.16 22.28 -20.59
CA GLN F 14 26.12 23.29 -20.40
C GLN F 14 25.08 23.25 -21.49
N GLN F 15 23.82 23.26 -21.09
CA GLN F 15 22.71 23.18 -22.05
C GLN F 15 21.31 23.23 -21.44
N GLY F 16 20.44 23.99 -22.09
CA GLY F 16 19.04 24.09 -21.70
C GLY F 16 18.26 24.96 -22.65
N GLU F 17 17.02 25.33 -22.30
CA GLU F 17 16.25 26.24 -23.15
C GLU F 17 16.64 27.71 -22.89
N LEU F 18 16.58 28.55 -23.92
CA LEU F 18 16.90 29.95 -23.80
C LEU F 18 15.96 30.77 -24.66
N TYR F 19 15.85 32.05 -24.37
CA TYR F 19 15.08 32.98 -25.21
C TYR F 19 16.02 33.63 -26.18
N MET F 20 15.57 33.85 -27.40
CA MET F 20 16.37 34.57 -28.38
C MET F 20 15.59 35.72 -28.97
N TRP F 21 16.28 36.82 -29.25
CA TRP F 21 15.64 38.03 -29.75
C TRP F 21 15.67 38.07 -31.27
N ASP F 22 14.47 38.01 -31.86
CA ASP F 22 14.34 38.15 -33.32
C ASP F 22 14.08 39.62 -33.67
N SER F 23 15.10 40.28 -34.22
CA SER F 23 14.99 41.72 -34.54
C SER F 23 13.97 42.03 -35.65
N ILE F 24 13.33 40.98 -36.17
CA ILE F 24 12.31 41.14 -37.21
C ILE F 24 10.91 41.22 -36.62
N ASP F 25 10.42 40.09 -36.10
CA ASP F 25 9.10 40.07 -35.50
C ASP F 25 9.08 40.87 -34.19
N GLN F 26 10.24 41.42 -33.81
CA GLN F 26 10.37 42.15 -32.55
C GLN F 26 9.76 41.37 -31.39
N LYS F 27 10.08 40.08 -31.31
CA LYS F 27 9.58 39.21 -30.23
C LYS F 27 10.65 38.23 -29.76
N TRP F 28 10.49 37.74 -28.53
CA TRP F 28 11.37 36.70 -28.04
C TRP F 28 10.80 35.33 -28.46
N THR F 29 11.69 34.42 -28.85
CA THR F 29 11.30 33.05 -29.16
C THR F 29 12.13 32.04 -28.36
N ARG F 30 11.53 30.89 -28.06
CA ARG F 30 12.17 29.88 -27.23
C ARG F 30 12.96 28.84 -28.04
N HIS F 31 14.27 28.75 -27.78
CA HIS F 31 15.12 27.83 -28.51
C HIS F 31 15.93 26.95 -27.56
N PHE F 32 16.16 25.69 -27.93
CA PHE F 32 17.03 24.80 -27.17
C PHE F 32 18.49 24.96 -27.58
N CYS F 33 19.34 25.22 -26.61
CA CYS F 33 20.74 25.53 -26.89
C CYS F 33 21.74 24.67 -26.12
N ALA F 34 22.95 24.52 -26.68
CA ALA F 34 23.97 23.68 -26.08
C ALA F 34 25.34 24.22 -26.40
N ILE F 35 26.28 23.92 -25.50
CA ILE F 35 27.67 24.33 -25.68
C ILE F 35 28.60 23.13 -25.69
N ALA F 36 29.27 22.93 -26.82
CA ALA F 36 30.30 21.90 -26.97
C ALA F 36 31.53 22.54 -27.58
N ASP F 37 32.70 22.16 -27.06
CA ASP F 37 33.93 22.81 -27.47
C ASP F 37 33.79 24.30 -27.25
N ALA F 38 33.90 25.07 -28.33
CA ALA F 38 33.77 26.50 -28.22
C ALA F 38 32.61 26.95 -29.08
N LYS F 39 31.61 26.08 -29.18
CA LYS F 39 30.50 26.37 -30.05
C LYS F 39 29.15 26.39 -29.31
N LEU F 40 28.29 27.36 -29.63
CA LEU F 40 26.96 27.43 -29.05
C LEU F 40 25.93 27.18 -30.11
N SER F 41 25.09 26.17 -29.93
CA SER F 41 24.11 25.82 -30.95
C SER F 41 22.73 26.16 -30.48
N PHE F 42 21.87 26.61 -31.39
CA PHE F 42 20.47 26.87 -31.08
C PHE F 42 19.50 26.35 -32.13
N SER F 43 18.42 25.72 -31.66
CA SER F 43 17.41 25.12 -32.55
C SER F 43 16.32 26.09 -32.97
N ASP F 44 15.34 25.59 -33.72
CA ASP F 44 14.25 26.45 -34.21
C ASP F 44 13.24 26.69 -33.09
N ASP F 45 12.34 27.65 -33.29
CA ASP F 45 11.32 27.96 -32.30
C ASP F 45 10.64 26.67 -31.84
N ILE F 46 10.92 26.26 -30.59
CA ILE F 46 10.37 25.01 -30.06
C ILE F 46 8.88 25.12 -29.77
N GLU F 47 8.32 26.30 -29.94
CA GLU F 47 6.89 26.49 -29.80
C GLU F 47 6.18 26.21 -31.12
N GLN F 48 6.88 26.40 -32.24
CA GLN F 48 6.24 26.30 -33.56
C GLN F 48 6.14 24.87 -34.17
N THR F 49 6.31 23.69 -33.53
CA THR F 49 5.50 23.06 -32.48
C THR F 49 5.43 21.54 -32.87
N MET F 50 6.50 20.78 -32.58
CA MET F 50 6.73 19.33 -32.90
C MET F 50 5.82 18.49 -33.84
N GLU F 51 6.45 17.87 -34.82
CA GLU F 51 5.81 16.96 -35.77
C GLU F 51 6.92 16.31 -36.61
N GLU F 52 6.80 15.02 -36.94
CA GLU F 52 7.94 14.25 -37.47
C GLU F 52 8.40 14.67 -38.88
N ASP F 53 8.08 13.86 -39.88
CA ASP F 53 8.36 14.18 -41.29
C ASP F 53 9.74 14.74 -41.53
N ASN F 54 9.81 16.07 -41.67
CA ASN F 54 11.07 16.79 -41.92
C ASN F 54 10.92 18.31 -42.14
N PRO F 55 10.24 19.02 -41.22
CA PRO F 55 9.86 20.43 -41.38
C PRO F 55 10.99 21.47 -41.40
N LEU F 56 10.61 22.74 -41.19
CA LEU F 56 11.56 23.82 -40.96
C LEU F 56 12.21 23.57 -39.60
N GLY F 57 11.56 22.73 -38.80
CA GLY F 57 11.98 22.40 -37.45
C GLY F 57 13.17 21.45 -37.30
N SER F 58 14.21 22.03 -36.76
CA SER F 58 15.50 21.38 -36.69
C SER F 58 16.13 21.66 -35.35
N LEU F 59 17.04 20.79 -34.92
CA LEU F 59 17.64 20.91 -33.60
C LEU F 59 18.93 21.68 -33.64
N CYS F 60 19.16 22.36 -34.76
CA CYS F 60 20.42 23.06 -34.92
C CYS F 60 20.39 24.07 -36.06
N ARG F 61 19.49 25.05 -35.98
CA ARG F 61 19.29 26.02 -37.07
C ARG F 61 20.47 26.96 -37.18
N GLY F 62 21.35 26.89 -36.19
CA GLY F 62 22.52 27.74 -36.19
C GLY F 62 23.58 27.31 -35.19
N ILE F 63 24.83 27.66 -35.45
CA ILE F 63 25.91 27.35 -34.54
C ILE F 63 26.84 28.54 -34.48
N LEU F 64 27.21 28.96 -33.28
CA LEU F 64 28.03 30.15 -33.09
C LEU F 64 29.41 29.81 -32.56
N ASP F 65 30.45 30.42 -33.10
CA ASP F 65 31.80 30.19 -32.60
C ASP F 65 32.12 31.22 -31.54
N LEU F 66 32.07 30.80 -30.29
CA LEU F 66 32.26 31.71 -29.18
C LEU F 66 33.63 32.37 -29.24
N ASN F 67 34.59 31.71 -29.88
CA ASN F 67 35.93 32.27 -30.02
C ASN F 67 35.90 33.61 -30.75
N THR F 68 34.89 33.79 -31.59
CA THR F 68 34.75 35.04 -32.33
C THR F 68 33.88 36.06 -31.62
N TYR F 69 33.20 35.65 -30.55
CA TYR F 69 32.31 36.54 -29.82
C TYR F 69 32.82 36.89 -28.41
N ASN F 70 32.14 37.86 -27.78
CA ASN F 70 32.36 38.17 -26.36
C ASN F 70 31.06 38.31 -25.62
N VAL F 71 31.07 38.10 -24.31
CA VAL F 71 29.82 38.13 -23.55
C VAL F 71 29.71 39.29 -22.61
N VAL F 72 28.68 40.09 -22.83
CA VAL F 72 28.38 41.20 -21.93
C VAL F 72 27.05 40.92 -21.31
N LYS F 73 26.86 41.37 -20.07
CA LYS F 73 25.57 41.25 -19.42
C LYS F 73 24.87 42.58 -19.51
N ALA F 74 23.54 42.55 -19.55
CA ALA F 74 22.78 43.77 -19.62
C ALA F 74 22.05 44.04 -18.30
N PRO F 75 22.64 44.92 -17.46
CA PRO F 75 22.11 45.21 -16.13
C PRO F 75 20.62 45.56 -16.20
N GLN F 76 20.28 46.58 -16.97
CA GLN F 76 18.92 47.07 -17.05
C GLN F 76 17.99 46.05 -17.72
N GLY F 77 18.57 45.03 -18.35
CA GLY F 77 17.79 44.08 -19.12
C GLY F 77 17.60 44.58 -20.53
N LYS F 78 16.66 44.00 -21.26
CA LYS F 78 16.38 44.44 -22.62
C LYS F 78 15.03 43.93 -23.09
N ASN F 79 14.36 44.73 -23.89
CA ASN F 79 13.08 44.34 -24.47
C ASN F 79 12.15 43.59 -23.52
N GLN F 80 11.92 44.15 -22.33
CA GLN F 80 10.92 43.61 -21.41
C GLN F 80 11.28 42.22 -20.86
N LYS F 81 12.52 41.79 -21.02
CA LYS F 81 13.01 40.59 -20.33
C LYS F 81 14.05 40.97 -19.27
N SER F 82 13.93 40.39 -18.08
CA SER F 82 14.73 40.86 -16.94
C SER F 82 16.20 40.41 -16.97
N PHE F 83 16.43 39.20 -17.44
CA PHE F 83 17.77 38.63 -17.37
C PHE F 83 18.29 38.23 -18.72
N VAL F 84 19.24 39.01 -19.24
CA VAL F 84 19.79 38.73 -20.56
C VAL F 84 21.30 38.91 -20.62
N PHE F 85 21.91 38.12 -21.51
CA PHE F 85 23.30 38.29 -21.85
C PHE F 85 23.39 38.44 -23.35
N ILE F 86 24.47 39.07 -23.80
CA ILE F 86 24.62 39.41 -25.19
C ILE F 86 25.96 38.94 -25.73
N LEU F 87 25.93 38.27 -26.87
CA LEU F 87 27.11 37.83 -27.58
C LEU F 87 27.43 38.88 -28.62
N GLU F 88 28.35 39.79 -28.32
CA GLU F 88 28.77 40.77 -29.31
C GLU F 88 30.12 40.41 -29.93
N PRO F 89 30.20 40.52 -31.27
CA PRO F 89 31.24 39.94 -32.10
C PRO F 89 32.52 40.72 -32.10
N LYS F 90 33.56 40.03 -32.55
CA LYS F 90 34.91 40.52 -32.57
C LYS F 90 35.21 41.00 -33.97
N GLN F 91 34.15 41.04 -34.80
CA GLN F 91 34.23 41.54 -36.17
C GLN F 91 33.07 42.50 -36.44
N GLN F 92 33.23 43.73 -35.94
CA GLN F 92 32.21 44.78 -36.01
C GLN F 92 31.42 44.71 -37.31
N GLY F 93 30.12 44.98 -37.26
CA GLY F 93 29.27 44.68 -38.39
C GLY F 93 29.36 43.20 -38.74
N ASP F 94 28.25 42.52 -38.58
CA ASP F 94 27.14 43.20 -37.97
C ASP F 94 26.83 42.65 -36.58
N PRO F 95 26.19 41.47 -36.49
CA PRO F 95 25.23 41.75 -35.41
C PRO F 95 25.42 41.02 -34.11
N PRO F 96 24.87 41.62 -33.04
CA PRO F 96 24.87 40.99 -31.72
C PRO F 96 23.78 39.96 -31.70
N VAL F 97 24.03 38.85 -31.02
CA VAL F 97 22.99 37.88 -30.77
C VAL F 97 22.59 38.06 -29.32
N GLU F 98 21.30 38.23 -29.08
CA GLU F 98 20.81 38.55 -27.73
C GLU F 98 19.97 37.42 -27.13
N PHE F 99 20.47 36.84 -26.04
CA PHE F 99 19.81 35.74 -25.33
C PHE F 99 19.22 36.22 -24.02
N ALA F 100 18.22 35.50 -23.50
CA ALA F 100 17.62 35.82 -22.19
C ALA F 100 17.04 34.58 -21.53
N THR F 101 17.03 34.54 -20.20
CA THR F 101 16.56 33.36 -19.50
C THR F 101 15.50 33.71 -18.50
N ASP F 102 14.81 32.70 -17.99
CA ASP F 102 13.72 32.90 -17.03
C ASP F 102 14.18 33.33 -15.64
N LYS F 103 14.98 32.50 -14.98
CA LYS F 103 15.44 32.72 -13.61
C LYS F 103 16.83 33.36 -13.58
N VAL F 104 17.06 34.27 -12.64
CA VAL F 104 18.35 34.94 -12.56
C VAL F 104 19.50 33.94 -12.40
N GLU F 105 19.27 32.86 -11.66
CA GLU F 105 20.34 31.89 -11.46
C GLU F 105 20.84 31.28 -12.77
N GLU F 106 19.92 31.04 -13.70
CA GLU F 106 20.29 30.49 -15.00
C GLU F 106 21.19 31.48 -15.71
N LEU F 107 20.75 32.72 -15.81
CA LEU F 107 21.58 33.73 -16.45
C LEU F 107 22.97 33.58 -15.92
N PHE F 108 23.03 33.35 -14.63
CA PHE F 108 24.29 33.33 -13.93
C PHE F 108 25.18 32.21 -14.46
N GLU F 109 24.59 31.04 -14.66
CA GLU F 109 25.34 29.87 -15.13
C GLU F 109 25.79 30.13 -16.56
N TRP F 110 24.86 30.10 -17.51
CA TRP F 110 25.23 30.47 -18.87
C TRP F 110 26.39 31.45 -18.85
N PHE F 111 26.22 32.60 -18.21
CA PHE F 111 27.21 33.66 -18.29
C PHE F 111 28.59 33.14 -17.89
N GLN F 112 28.65 32.37 -16.83
CA GLN F 112 29.92 31.80 -16.42
C GLN F 112 30.48 30.90 -17.49
N SER F 113 29.71 29.91 -17.93
CA SER F 113 30.17 28.94 -18.93
C SER F 113 30.77 29.63 -20.16
N ILE F 114 30.05 30.58 -20.73
CA ILE F 114 30.51 31.24 -21.94
C ILE F 114 31.77 32.03 -21.73
N ARG F 115 31.90 32.71 -20.61
CA ARG F 115 33.10 33.49 -20.38
C ARG F 115 34.30 32.59 -20.02
N GLU F 116 34.04 31.47 -19.34
CA GLU F 116 35.10 30.52 -19.04
C GLU F 116 35.58 29.87 -20.31
N ILE F 117 35.23 30.49 -21.43
CA ILE F 117 35.57 29.96 -22.76
C ILE F 117 36.06 31.06 -23.68
N THR F 118 35.56 32.27 -23.50
CA THR F 118 36.07 33.40 -24.27
C THR F 118 37.39 33.94 -23.67
N TRP F 119 37.86 33.35 -22.58
CA TRP F 119 39.21 33.65 -22.09
C TRP F 119 40.28 33.11 -23.03
N LYS G 13 -47.93 8.12 13.91
CA LYS G 13 -47.28 7.71 12.67
C LYS G 13 -45.82 7.30 12.90
N GLN G 14 -45.39 6.25 12.20
CA GLN G 14 -44.04 5.70 12.41
C GLN G 14 -43.10 6.18 11.32
N GLN G 15 -41.95 6.71 11.73
CA GLN G 15 -40.94 7.16 10.78
C GLN G 15 -39.62 7.66 11.39
N GLY G 16 -38.51 7.40 10.70
CA GLY G 16 -37.18 7.77 11.17
C GLY G 16 -36.13 7.20 10.24
N GLU G 17 -34.86 7.34 10.60
CA GLU G 17 -33.77 6.78 9.80
C GLU G 17 -33.57 5.28 10.09
N LEU G 18 -33.15 4.53 9.06
CA LEU G 18 -32.91 3.09 9.20
C LEU G 18 -31.72 2.72 8.37
N TYR G 19 -31.07 1.62 8.70
CA TYR G 19 -30.01 1.08 7.85
C TYR G 19 -30.65 0.11 6.87
N MET G 20 -30.14 0.07 5.64
CA MET G 20 -30.56 -0.94 4.66
C MET G 20 -29.37 -1.74 4.13
N TRP G 21 -29.57 -3.04 3.89
CA TRP G 21 -28.52 -3.90 3.39
C TRP G 21 -28.49 -3.93 1.86
N ASP G 22 -27.43 -3.40 1.26
CA ASP G 22 -27.23 -3.49 -0.18
C ASP G 22 -26.41 -4.74 -0.55
N SER G 23 -27.08 -5.74 -1.12
CA SER G 23 -26.45 -7.03 -1.40
C SER G 23 -25.37 -6.93 -2.47
N ILE G 24 -25.17 -5.73 -3.00
CA ILE G 24 -24.16 -5.50 -4.01
C ILE G 24 -22.87 -5.01 -3.42
N ASP G 25 -22.86 -3.80 -2.91
CA ASP G 25 -21.65 -3.26 -2.30
C ASP G 25 -21.35 -3.97 -0.98
N GLN G 26 -22.19 -4.93 -0.61
CA GLN G 26 -22.01 -5.65 0.65
C GLN G 26 -21.75 -4.67 1.82
N LYS G 27 -22.57 -3.62 1.94
CA LYS G 27 -22.44 -2.64 3.01
C LYS G 27 -23.82 -2.15 3.46
N TRP G 28 -23.90 -1.60 4.66
CA TRP G 28 -25.14 -0.98 5.13
C TRP G 28 -25.16 0.48 4.71
N THR G 29 -26.33 0.97 4.31
CA THR G 29 -26.46 2.37 3.96
C THR G 29 -27.62 3.00 4.70
N ARG G 30 -27.51 4.29 5.02
CA ARG G 30 -28.51 4.98 5.82
C ARG G 30 -29.63 5.59 4.98
N HIS G 31 -30.86 5.18 5.25
CA HIS G 31 -32.02 5.70 4.51
C HIS G 31 -33.15 6.21 5.43
N PHE G 32 -33.85 7.27 5.01
CA PHE G 32 -34.99 7.77 5.75
C PHE G 32 -36.29 7.08 5.33
N CYS G 33 -37.00 6.52 6.31
CA CYS G 33 -38.15 5.71 5.97
C CYS G 33 -39.38 6.17 6.73
N ALA G 34 -40.54 5.80 6.18
CA ALA G 34 -41.83 6.16 6.77
C ALA G 34 -42.89 5.11 6.47
N ILE G 35 -43.89 5.05 7.33
CA ILE G 35 -44.98 4.11 7.15
C ILE G 35 -46.29 4.85 7.10
N ALA G 36 -46.97 4.76 5.95
CA ALA G 36 -48.31 5.31 5.77
C ALA G 36 -49.21 4.23 5.18
N ASP G 37 -50.45 4.16 5.67
CA ASP G 37 -51.32 3.07 5.29
C ASP G 37 -50.62 1.74 5.52
N ALA G 38 -50.43 0.97 4.45
CA ALA G 38 -49.75 -0.31 4.56
C ALA G 38 -48.50 -0.27 3.71
N LYS G 39 -47.89 0.90 3.64
CA LYS G 39 -46.72 1.06 2.79
C LYS G 39 -45.51 1.60 3.56
N LEU G 40 -44.35 1.03 3.27
CA LEU G 40 -43.09 1.50 3.85
C LEU G 40 -42.19 2.11 2.76
N SER G 41 -41.85 3.37 2.92
CA SER G 41 -41.06 4.07 1.92
C SER G 41 -39.65 4.32 2.39
N PHE G 42 -38.69 4.26 1.47
CA PHE G 42 -37.30 4.52 1.83
C PHE G 42 -36.60 5.38 0.78
N SER G 43 -35.86 6.38 1.25
CA SER G 43 -35.14 7.31 0.38
C SER G 43 -33.77 6.78 -0.05
N ASP G 44 -33.03 7.60 -0.79
CA ASP G 44 -31.69 7.23 -1.23
C ASP G 44 -30.70 7.42 -0.08
N ASP G 45 -29.49 6.88 -0.25
CA ASP G 45 -28.44 7.02 0.74
C ASP G 45 -28.33 8.49 1.17
N ILE G 46 -28.77 8.78 2.39
CA ILE G 46 -28.73 10.14 2.92
C ILE G 46 -27.31 10.60 3.24
N GLU G 47 -26.35 9.71 3.06
CA GLU G 47 -24.95 10.09 3.20
C GLU G 47 -24.36 10.61 1.88
N GLN G 48 -24.93 10.17 0.76
CA GLN G 48 -24.36 10.45 -0.58
C GLN G 48 -24.49 11.90 -1.09
N THR G 49 -24.31 12.88 -0.18
CA THR G 49 -23.87 14.27 -0.52
C THR G 49 -24.97 15.29 -0.83
N LEU G 56 -29.02 13.06 -7.45
CA LEU G 56 -30.36 12.50 -7.64
C LEU G 56 -30.54 11.04 -7.15
N GLY G 57 -30.83 10.82 -5.84
CA GLY G 57 -31.01 11.86 -4.83
C GLY G 57 -32.44 12.29 -4.45
N SER G 58 -33.24 11.34 -3.96
CA SER G 58 -34.71 11.43 -3.81
C SER G 58 -35.20 10.96 -2.43
N LEU G 59 -36.38 11.44 -2.02
CA LEU G 59 -36.92 11.09 -0.71
C LEU G 59 -37.83 9.88 -0.79
N CYS G 60 -37.78 9.17 -1.92
CA CYS G 60 -38.68 8.04 -2.11
C CYS G 60 -38.26 7.12 -3.25
N ARG G 61 -37.04 6.58 -3.17
CA ARG G 61 -36.47 5.73 -4.22
C ARG G 61 -37.18 4.38 -4.31
N GLY G 62 -38.05 4.11 -3.33
CA GLY G 62 -38.76 2.85 -3.28
C GLY G 62 -39.91 2.83 -2.29
N ILE G 63 -40.93 2.03 -2.59
CA ILE G 63 -42.08 1.89 -1.73
C ILE G 63 -42.49 0.42 -1.64
N LEU G 64 -42.64 -0.07 -0.42
CA LEU G 64 -42.95 -1.48 -0.18
C LEU G 64 -44.38 -1.67 0.33
N ASP G 65 -45.07 -2.66 -0.22
CA ASP G 65 -46.42 -3.00 0.25
C ASP G 65 -46.33 -4.07 1.33
N LEU G 66 -46.45 -3.64 2.57
CA LEU G 66 -46.30 -4.53 3.71
C LEU G 66 -47.31 -5.67 3.63
N ASN G 67 -48.46 -5.42 3.01
CA ASN G 67 -49.46 -6.46 2.84
C ASN G 67 -48.87 -7.68 2.15
N THR G 68 -47.85 -7.47 1.34
CA THR G 68 -47.26 -8.55 0.58
C THR G 68 -46.08 -9.19 1.32
N TYR G 69 -45.63 -8.52 2.39
CA TYR G 69 -44.46 -9.00 3.14
C TYR G 69 -44.83 -9.53 4.53
N ASN G 70 -43.83 -10.13 5.18
CA ASN G 70 -43.92 -10.51 6.60
C ASN G 70 -42.67 -10.09 7.36
N VAL G 71 -42.78 -9.89 8.66
CA VAL G 71 -41.63 -9.42 9.42
C VAL G 71 -41.07 -10.46 10.38
N VAL G 72 -39.80 -10.78 10.20
CA VAL G 72 -39.12 -11.68 11.10
C VAL G 72 -38.02 -10.88 11.75
N LYS G 73 -37.66 -11.23 12.98
CA LYS G 73 -36.54 -10.59 13.61
C LYS G 73 -35.40 -11.56 13.58
N ALA G 74 -34.17 -11.06 13.60
CA ALA G 74 -33.01 -11.93 13.50
C ALA G 74 -32.22 -11.91 14.78
N PRO G 75 -32.37 -12.96 15.57
CA PRO G 75 -31.85 -12.98 16.94
C PRO G 75 -30.37 -12.71 16.95
N GLN G 76 -29.66 -13.49 16.17
CA GLN G 76 -28.21 -13.38 16.13
C GLN G 76 -27.75 -12.08 15.47
N GLY G 77 -28.67 -11.36 14.86
CA GLY G 77 -28.32 -10.19 14.07
C GLY G 77 -27.96 -10.57 12.64
N LYS G 78 -27.29 -9.68 11.91
CA LYS G 78 -26.83 -10.01 10.56
C LYS G 78 -25.77 -9.02 10.08
N ASN G 79 -24.79 -9.52 9.33
CA ASN G 79 -23.78 -8.66 8.74
C ASN G 79 -23.21 -7.61 9.69
N GLN G 80 -22.79 -8.03 10.87
CA GLN G 80 -22.11 -7.14 11.80
C GLN G 80 -22.99 -5.98 12.35
N LYS G 81 -24.30 -6.07 12.14
CA LYS G 81 -25.25 -5.17 12.81
C LYS G 81 -26.08 -5.92 13.87
N SER G 82 -26.16 -5.38 15.08
CA SER G 82 -26.76 -6.10 16.21
C SER G 82 -28.28 -6.24 16.17
N PHE G 83 -28.97 -5.24 15.65
CA PHE G 83 -30.40 -5.25 15.73
C PHE G 83 -31.03 -5.09 14.36
N VAL G 84 -31.55 -6.17 13.80
CA VAL G 84 -32.16 -6.05 12.48
C VAL G 84 -33.45 -6.79 12.38
N PHE G 85 -34.32 -6.29 11.51
CA PHE G 85 -35.54 -7.00 11.18
C PHE G 85 -35.54 -7.24 9.69
N ILE G 86 -36.30 -8.23 9.24
CA ILE G 86 -36.30 -8.60 7.83
C ILE G 86 -37.72 -8.68 7.30
N LEU G 87 -37.95 -8.07 6.14
CA LEU G 87 -39.22 -8.16 5.44
C LEU G 87 -39.11 -9.26 4.40
N GLU G 88 -39.57 -10.47 4.72
CA GLU G 88 -39.55 -11.53 3.72
C GLU G 88 -40.93 -11.70 3.10
N PRO G 89 -40.96 -11.85 1.76
CA PRO G 89 -42.15 -11.76 0.91
C PRO G 89 -42.98 -13.05 0.88
N LYS G 90 -44.18 -13.01 0.33
CA LYS G 90 -44.99 -14.23 0.20
C LYS G 90 -45.00 -14.76 -1.25
N GLN G 91 -44.23 -14.11 -2.14
CA GLN G 91 -44.16 -14.44 -3.58
C GLN G 91 -43.53 -15.80 -3.83
N GLN G 92 -42.98 -16.39 -2.78
CA GLN G 92 -42.14 -17.58 -2.85
C GLN G 92 -40.93 -17.24 -3.70
N GLY G 93 -40.88 -15.96 -4.09
CA GLY G 93 -39.85 -15.42 -4.97
C GLY G 93 -38.44 -15.62 -4.46
N ASP G 94 -37.68 -14.55 -4.22
CA ASP G 94 -37.99 -13.13 -4.44
C ASP G 94 -36.84 -12.49 -3.66
N PRO G 95 -36.89 -11.17 -3.41
CA PRO G 95 -35.85 -11.11 -2.37
C PRO G 95 -36.29 -10.48 -1.05
N PRO G 96 -35.56 -10.80 0.02
CA PRO G 96 -35.82 -10.22 1.33
C PRO G 96 -35.22 -8.85 1.36
N VAL G 97 -35.90 -7.90 2.00
CA VAL G 97 -35.35 -6.59 2.26
C VAL G 97 -34.92 -6.57 3.71
N GLU G 98 -33.67 -6.25 3.98
CA GLU G 98 -33.13 -6.34 5.33
C GLU G 98 -32.81 -4.97 5.93
N PHE G 99 -33.52 -4.63 7.01
CA PHE G 99 -33.35 -3.37 7.72
C PHE G 99 -32.65 -3.57 9.04
N ALA G 100 -32.03 -2.51 9.56
CA ALA G 100 -31.36 -2.57 10.87
C ALA G 100 -31.31 -1.19 11.51
N THR G 101 -31.27 -1.14 12.85
CA THR G 101 -31.31 0.13 13.56
C THR G 101 -30.23 0.20 14.60
N ASP G 102 -30.03 1.37 15.16
CA ASP G 102 -28.90 1.61 16.05
C ASP G 102 -29.13 1.07 17.46
N LYS G 103 -30.20 1.54 18.10
CA LYS G 103 -30.55 1.18 19.47
C LYS G 103 -31.57 0.03 19.46
N VAL G 104 -31.48 -0.88 20.42
CA VAL G 104 -32.45 -1.97 20.51
C VAL G 104 -33.90 -1.50 20.65
N GLU G 105 -34.12 -0.43 21.39
CA GLU G 105 -35.48 0.08 21.53
C GLU G 105 -36.13 0.42 20.19
N GLU G 106 -35.37 1.01 19.29
CA GLU G 106 -35.92 1.36 17.99
C GLU G 106 -36.36 0.10 17.23
N LEU G 107 -35.46 -0.88 17.14
CA LEU G 107 -35.82 -2.15 16.52
C LEU G 107 -37.22 -2.57 16.98
N PHE G 108 -37.50 -2.41 18.26
CA PHE G 108 -38.83 -2.75 18.74
C PHE G 108 -39.88 -1.77 18.24
N GLU G 109 -39.58 -0.48 18.34
CA GLU G 109 -40.53 0.54 17.89
C GLU G 109 -41.00 0.22 16.47
N TRP G 110 -40.02 -0.01 15.58
CA TRP G 110 -40.29 -0.29 14.17
C TRP G 110 -41.00 -1.64 13.94
N PHE G 111 -40.42 -2.69 14.50
CA PHE G 111 -41.02 -3.99 14.37
C PHE G 111 -42.50 -3.93 14.77
N GLN G 112 -42.82 -3.65 16.03
CA GLN G 112 -44.22 -3.60 16.45
C GLN G 112 -45.12 -2.97 15.39
N SER G 113 -44.77 -1.78 14.94
CA SER G 113 -45.57 -1.07 13.94
C SER G 113 -45.86 -1.95 12.72
N ILE G 114 -44.83 -2.53 12.16
CA ILE G 114 -44.99 -3.32 10.94
C ILE G 114 -45.88 -4.54 11.14
N ARG G 115 -45.75 -5.21 12.29
CA ARG G 115 -46.53 -6.42 12.51
C ARG G 115 -47.96 -6.07 12.85
N GLU G 116 -48.13 -4.92 13.49
CA GLU G 116 -49.46 -4.38 13.79
C GLU G 116 -50.13 -3.98 12.49
N ILE G 117 -49.59 -4.45 11.38
CA ILE G 117 -50.10 -4.13 10.07
C ILE G 117 -50.12 -5.34 9.14
N THR G 118 -49.17 -6.27 9.32
CA THR G 118 -49.22 -7.51 8.56
C THR G 118 -50.20 -8.49 9.20
N TRP G 119 -50.68 -8.11 10.39
CA TRP G 119 -51.78 -8.78 11.08
C TRP G 119 -52.92 -7.83 11.39
N LYS H 13 12.45 -20.64 27.65
CA LYS H 13 12.40 -20.91 29.08
C LYS H 13 11.08 -20.44 29.69
N GLN H 14 10.54 -21.22 30.62
CA GLN H 14 9.24 -20.91 31.21
C GLN H 14 9.42 -20.29 32.58
N GLN H 15 8.74 -19.16 32.81
CA GLN H 15 8.81 -18.47 34.11
C GLN H 15 7.92 -17.22 34.21
N GLY H 16 7.36 -17.00 35.40
CA GLY H 16 6.51 -15.85 35.66
C GLY H 16 5.96 -15.91 37.07
N GLU H 17 5.00 -15.06 37.41
CA GLU H 17 4.38 -15.14 38.73
C GLU H 17 3.26 -16.20 38.77
N LEU H 18 3.09 -16.84 39.93
CA LEU H 18 2.04 -17.83 40.11
C LEU H 18 1.44 -17.67 41.49
N TYR H 19 0.22 -18.19 41.68
CA TYR H 19 -0.37 -18.27 43.01
C TYR H 19 -0.05 -19.64 43.61
N MET H 20 0.19 -19.66 44.93
CA MET H 20 0.37 -20.93 45.62
C MET H 20 -0.59 -21.04 46.81
N TRP H 21 -1.06 -22.25 47.06
CA TRP H 21 -2.01 -22.51 48.13
C TRP H 21 -1.29 -22.87 49.43
N ASP H 22 -1.40 -22.01 50.42
CA ASP H 22 -0.85 -22.31 51.74
C ASP H 22 -1.92 -22.98 52.62
N SER H 23 -1.76 -24.29 52.86
CA SER H 23 -2.78 -25.06 53.58
C SER H 23 -2.91 -24.64 55.05
N ILE H 24 -2.09 -23.68 55.47
CA ILE H 24 -2.13 -23.17 56.83
C ILE H 24 -3.02 -21.96 56.96
N ASP H 25 -2.59 -20.83 56.38
CA ASP H 25 -3.37 -19.60 56.45
C ASP H 25 -4.63 -19.71 55.58
N GLN H 26 -4.79 -20.86 54.93
CA GLN H 26 -5.94 -21.11 54.04
C GLN H 26 -6.13 -19.93 53.08
N LYS H 27 -5.03 -19.50 52.46
CA LYS H 27 -5.06 -18.38 51.51
C LYS H 27 -4.10 -18.62 50.34
N TRP H 28 -4.36 -17.92 49.24
CA TRP H 28 -3.43 -17.93 48.10
C TRP H 28 -2.39 -16.83 48.27
N THR H 29 -1.15 -17.13 47.90
CA THR H 29 -0.08 -16.16 48.00
C THR H 29 0.68 -16.12 46.68
N ARG H 30 1.22 -14.95 46.36
CA ARG H 30 1.87 -14.74 45.08
C ARG H 30 3.37 -15.00 45.14
N HIS H 31 3.84 -15.94 44.33
CA HIS H 31 5.26 -16.30 44.28
C HIS H 31 5.83 -16.27 42.85
N PHE H 32 7.09 -15.87 42.72
CA PHE H 32 7.76 -15.92 41.42
C PHE H 32 8.42 -17.27 41.17
N CYS H 33 8.08 -17.88 40.04
CA CYS H 33 8.53 -19.23 39.76
C CYS H 33 9.25 -19.36 38.41
N ALA H 34 10.09 -20.38 38.32
CA ALA H 34 10.84 -20.64 37.11
C ALA H 34 11.11 -22.13 36.90
N ILE H 35 11.27 -22.52 35.64
CA ILE H 35 11.57 -23.89 35.30
C ILE H 35 12.89 -23.99 34.55
N ALA H 36 13.83 -24.69 35.17
CA ALA H 36 15.13 -24.99 34.55
C ALA H 36 15.37 -26.48 34.71
N ASP H 37 15.89 -27.12 33.66
CA ASP H 37 16.06 -28.57 33.64
C ASP H 37 14.71 -29.25 33.96
N ALA H 38 14.68 -30.02 35.04
CA ALA H 38 13.46 -30.67 35.48
C ALA H 38 13.11 -30.17 36.87
N LYS H 39 13.41 -28.89 37.12
CA LYS H 39 13.17 -28.32 38.44
C LYS H 39 12.27 -27.06 38.37
N LEU H 40 11.31 -26.97 39.30
CA LEU H 40 10.45 -25.80 39.41
C LEU H 40 10.75 -25.06 40.72
N SER H 41 11.19 -23.81 40.62
CA SER H 41 11.54 -23.05 41.81
C SER H 41 10.49 -22.00 42.13
N PHE H 42 10.27 -21.75 43.42
CA PHE H 42 9.35 -20.71 43.82
C PHE H 42 9.87 -19.87 44.98
N SER H 43 9.71 -18.55 44.87
CA SER H 43 10.18 -17.60 45.87
C SER H 43 9.19 -17.39 47.02
N ASP H 44 9.55 -16.50 47.95
CA ASP H 44 8.70 -16.16 49.08
C ASP H 44 7.59 -15.21 48.64
N ASP H 45 6.57 -15.05 49.48
CA ASP H 45 5.44 -14.16 49.17
C ASP H 45 5.96 -12.82 48.68
N ILE H 46 5.81 -12.55 47.38
CA ILE H 46 6.32 -11.31 46.79
C ILE H 46 5.50 -10.10 47.22
N GLU H 47 4.46 -10.34 48.00
CA GLU H 47 3.68 -9.25 48.58
C GLU H 47 4.24 -8.82 49.93
N GLN H 48 4.86 -9.76 50.66
CA GLN H 48 5.36 -9.52 52.01
C GLN H 48 6.69 -8.74 52.03
N LEU H 56 14.29 -10.19 54.85
CA LEU H 56 14.71 -11.53 54.40
C LEU H 56 13.65 -12.29 53.59
N GLY H 57 13.30 -11.73 52.42
CA GLY H 57 12.51 -12.44 51.41
C GLY H 57 13.47 -12.95 50.34
N SER H 58 13.39 -14.25 50.02
CA SER H 58 14.32 -14.95 49.15
C SER H 58 13.71 -15.29 47.79
N LEU H 59 14.55 -15.41 46.77
CA LEU H 59 14.07 -15.69 45.42
C LEU H 59 14.00 -17.19 45.15
N CYS H 60 14.13 -17.99 46.20
CA CYS H 60 14.16 -19.41 45.99
C CYS H 60 13.92 -20.21 47.28
N ARG H 61 12.78 -19.96 47.92
CA ARG H 61 12.42 -20.61 49.19
C ARG H 61 12.17 -22.11 49.06
N GLY H 62 12.07 -22.58 47.81
CA GLY H 62 11.86 -23.99 47.55
C GLY H 62 12.15 -24.38 46.13
N ILE H 63 12.55 -25.63 45.93
CA ILE H 63 12.78 -26.19 44.60
C ILE H 63 12.17 -27.59 44.49
N LEU H 64 11.40 -27.81 43.41
CA LEU H 64 10.67 -29.07 43.20
C LEU H 64 11.22 -29.86 42.03
N ASP H 65 11.44 -31.15 42.25
CA ASP H 65 11.89 -32.02 41.17
C ASP H 65 10.68 -32.61 40.44
N LEU H 66 10.41 -32.06 39.27
CA LEU H 66 9.25 -32.44 38.47
C LEU H 66 9.29 -33.94 38.12
N ASN H 67 10.50 -34.49 38.07
CA ASN H 67 10.65 -35.91 37.78
C ASN H 67 9.92 -36.77 38.81
N THR H 68 9.79 -36.24 40.02
CA THR H 68 9.12 -36.95 41.13
C THR H 68 7.60 -36.67 41.19
N TYR H 69 7.16 -35.66 40.46
CA TYR H 69 5.76 -35.23 40.49
C TYR H 69 5.00 -35.56 39.18
N ASN H 70 3.68 -35.38 39.24
CA ASN H 70 2.83 -35.40 38.05
C ASN H 70 1.88 -34.22 38.04
N VAL H 71 1.42 -33.83 36.85
CA VAL H 71 0.55 -32.67 36.74
C VAL H 71 -0.86 -33.03 36.36
N VAL H 72 -1.79 -32.69 37.24
CA VAL H 72 -3.20 -32.81 36.93
C VAL H 72 -3.80 -31.42 36.86
N LYS H 73 -4.83 -31.26 36.01
CA LYS H 73 -5.56 -30.00 35.98
C LYS H 73 -6.83 -30.18 36.77
N ALA H 74 -7.33 -29.10 37.37
CA ALA H 74 -8.55 -29.16 38.17
C ALA H 74 -9.68 -28.43 37.44
N PRO H 75 -10.52 -29.18 36.75
CA PRO H 75 -11.58 -28.62 35.92
C PRO H 75 -12.42 -27.62 36.71
N GLN H 76 -12.96 -28.06 37.85
CA GLN H 76 -13.84 -27.23 38.68
C GLN H 76 -13.10 -26.09 39.37
N GLY H 77 -11.78 -26.12 39.30
CA GLY H 77 -10.93 -25.15 39.97
C GLY H 77 -10.71 -25.59 41.41
N LYS H 78 -10.25 -24.67 42.26
CA LYS H 78 -10.09 -24.98 43.67
C LYS H 78 -9.98 -23.71 44.49
N ASN H 79 -10.52 -23.76 45.71
CA ASN H 79 -10.45 -22.66 46.67
C ASN H 79 -10.70 -21.26 46.09
N GLN H 80 -11.78 -21.13 45.33
CA GLN H 80 -12.20 -19.83 44.82
C GLN H 80 -11.25 -19.26 43.75
N LYS H 81 -10.35 -20.09 43.22
CA LYS H 81 -9.52 -19.70 42.07
C LYS H 81 -9.92 -20.52 40.83
N SER H 82 -10.16 -19.84 39.71
CA SER H 82 -10.72 -20.47 38.52
C SER H 82 -9.77 -21.41 37.76
N PHE H 83 -8.50 -21.06 37.70
CA PHE H 83 -7.57 -21.83 36.87
C PHE H 83 -6.40 -22.34 37.68
N VAL H 84 -6.39 -23.64 37.97
CA VAL H 84 -5.30 -24.19 38.75
C VAL H 84 -4.80 -25.52 38.19
N PHE H 85 -3.51 -25.77 38.40
CA PHE H 85 -2.97 -27.08 38.14
C PHE H 85 -2.35 -27.59 39.44
N ILE H 86 -2.20 -28.90 39.54
CA ILE H 86 -1.72 -29.53 40.78
C ILE H 86 -0.55 -30.46 40.49
N LEU H 87 0.52 -30.32 41.27
CA LEU H 87 1.66 -31.23 41.24
C LEU H 87 1.46 -32.31 42.29
N GLU H 88 0.94 -33.47 41.89
CA GLU H 88 0.80 -34.58 42.85
C GLU H 88 1.89 -35.63 42.67
N PRO H 89 2.51 -36.03 43.80
CA PRO H 89 3.79 -36.76 43.89
C PRO H 89 3.65 -38.24 43.55
N PRO H 95 2.80 -34.44 50.17
CA PRO H 95 1.61 -33.65 49.89
C PRO H 95 1.61 -33.07 48.48
N PRO H 96 0.41 -32.72 47.98
CA PRO H 96 0.27 -32.08 46.67
C PRO H 96 0.64 -30.61 46.81
N VAL H 97 1.30 -30.06 45.78
CA VAL H 97 1.55 -28.63 45.75
C VAL H 97 0.55 -28.06 44.77
N GLU H 98 -0.22 -27.06 45.20
CA GLU H 98 -1.30 -26.52 44.36
C GLU H 98 -1.02 -25.10 43.86
N PHE H 99 -0.89 -24.97 42.53
CA PHE H 99 -0.63 -23.68 41.86
C PHE H 99 -1.88 -23.15 41.15
N ALA H 100 -1.93 -21.83 40.94
CA ALA H 100 -3.04 -21.25 40.19
C ALA H 100 -2.58 -19.96 39.49
N THR H 101 -3.22 -19.62 38.37
CA THR H 101 -2.85 -18.43 37.60
C THR H 101 -4.05 -17.55 37.32
N ASP H 102 -3.79 -16.34 36.87
CA ASP H 102 -4.84 -15.35 36.64
C ASP H 102 -5.66 -15.62 35.36
N LYS H 103 -4.98 -15.67 34.22
CA LYS H 103 -5.65 -15.87 32.93
C LYS H 103 -5.60 -17.33 32.52
N VAL H 104 -6.65 -17.80 31.86
CA VAL H 104 -6.72 -19.20 31.42
C VAL H 104 -5.57 -19.55 30.49
N GLU H 105 -5.18 -18.61 29.62
CA GLU H 105 -4.07 -18.89 28.70
C GLU H 105 -2.79 -19.27 29.44
N GLU H 106 -2.52 -18.57 30.55
CA GLU H 106 -1.33 -18.88 31.34
C GLU H 106 -1.37 -20.31 31.87
N LEU H 107 -2.47 -20.66 32.52
CA LEU H 107 -2.64 -22.04 32.98
C LEU H 107 -2.18 -22.97 31.86
N PHE H 108 -2.53 -22.56 30.62
CA PHE H 108 -2.21 -23.29 29.40
C PHE H 108 -0.71 -23.20 29.10
N GLU H 109 -0.21 -21.97 28.97
CA GLU H 109 1.22 -21.71 28.83
C GLU H 109 2.04 -22.53 29.81
N TRP H 110 1.56 -22.58 31.06
CA TRP H 110 2.24 -23.28 32.14
C TRP H 110 2.07 -24.79 32.07
N PHE H 111 0.82 -25.25 31.90
CA PHE H 111 0.48 -26.67 32.05
C PHE H 111 1.21 -27.56 31.02
N GLN H 112 1.33 -27.05 29.81
CA GLN H 112 2.10 -27.71 28.77
C GLN H 112 3.57 -27.92 29.13
N SER H 113 4.24 -26.84 29.53
CA SER H 113 5.66 -26.91 29.90
C SER H 113 5.98 -28.07 30.87
N ILE H 114 5.25 -28.13 31.97
CA ILE H 114 5.48 -29.13 33.01
C ILE H 114 5.24 -30.58 32.51
N ARG H 115 4.24 -30.78 31.68
CA ARG H 115 3.96 -32.13 31.22
C ARG H 115 4.94 -32.53 30.12
N GLU H 116 5.38 -31.54 29.34
CA GLU H 116 6.42 -31.75 28.32
C GLU H 116 7.75 -32.06 29.01
N ILE H 117 7.66 -32.40 30.30
CA ILE H 117 8.83 -32.70 31.11
C ILE H 117 8.63 -33.93 32.02
N THR H 118 7.38 -34.16 32.46
CA THR H 118 7.06 -35.35 33.25
C THR H 118 6.71 -36.53 32.33
N LYS I 13 -28.20 -25.13 -15.50
CA LYS I 13 -27.82 -25.15 -16.91
C LYS I 13 -26.38 -24.70 -17.10
N GLN I 14 -25.65 -25.38 -17.96
CA GLN I 14 -24.24 -25.08 -18.16
C GLN I 14 -24.01 -24.22 -19.39
N GLN I 15 -23.26 -23.14 -19.22
CA GLN I 15 -22.98 -22.24 -20.33
C GLN I 15 -22.01 -21.08 -20.01
N GLY I 16 -21.13 -20.77 -20.96
CA GLY I 16 -20.17 -19.67 -20.85
C GLY I 16 -19.29 -19.58 -22.09
N GLU I 17 -18.25 -18.75 -22.04
CA GLU I 17 -17.33 -18.66 -23.17
C GLU I 17 -16.31 -19.82 -23.16
N LEU I 18 -15.91 -20.28 -24.34
CA LEU I 18 -14.89 -21.33 -24.46
C LEU I 18 -13.95 -20.99 -25.60
N TYR I 19 -12.75 -21.59 -25.58
CA TYR I 19 -11.83 -21.55 -26.73
C TYR I 19 -12.08 -22.76 -27.62
N MET I 20 -12.00 -22.57 -28.94
CA MET I 20 -12.12 -23.68 -29.90
C MET I 20 -10.92 -23.70 -30.83
N TRP I 21 -10.48 -24.91 -31.18
CA TRP I 21 -9.30 -25.06 -32.01
C TRP I 21 -9.69 -25.15 -33.48
N ASP I 22 -9.27 -24.15 -34.26
CA ASP I 22 -9.47 -24.15 -35.71
C ASP I 22 -8.27 -24.76 -36.42
N SER I 23 -8.44 -25.98 -36.93
CA SER I 23 -7.33 -26.73 -37.50
C SER I 23 -6.81 -26.12 -38.80
N ILE I 24 -7.45 -25.02 -39.22
CA ILE I 24 -7.03 -24.31 -40.42
C ILE I 24 -6.05 -23.17 -40.12
N ASP I 25 -6.54 -22.10 -39.49
CA ASP I 25 -5.69 -20.98 -39.13
C ASP I 25 -4.70 -21.35 -38.03
N GLN I 26 -4.78 -22.60 -37.56
CA GLN I 26 -3.92 -23.09 -36.48
C GLN I 26 -3.91 -22.10 -35.31
N LYS I 27 -5.09 -21.66 -34.90
CA LYS I 27 -5.22 -20.71 -33.79
C LYS I 27 -6.46 -21.01 -32.93
N TRP I 28 -6.47 -20.54 -31.70
CA TRP I 28 -7.64 -20.69 -30.86
C TRP I 28 -8.54 -19.48 -31.07
N THR I 29 -9.85 -19.71 -31.07
CA THR I 29 -10.80 -18.61 -31.19
C THR I 29 -11.85 -18.70 -30.12
N ARG I 30 -12.36 -17.56 -29.68
CA ARG I 30 -13.30 -17.51 -28.57
C ARG I 30 -14.76 -17.62 -29.01
N HIS I 31 -15.45 -18.63 -28.51
CA HIS I 31 -16.86 -18.83 -28.87
C HIS I 31 -17.74 -18.97 -27.63
N PHE I 32 -18.98 -18.45 -27.69
CA PHE I 32 -19.96 -18.64 -26.62
C PHE I 32 -20.74 -19.93 -26.78
N CYS I 33 -20.71 -20.77 -25.76
CA CYS I 33 -21.32 -22.09 -25.86
C CYS I 33 -22.36 -22.37 -24.77
N ALA I 34 -23.22 -23.35 -25.05
CA ALA I 34 -24.28 -23.71 -24.12
C ALA I 34 -24.69 -25.17 -24.30
N ILE I 35 -25.22 -25.73 -23.21
CA ILE I 35 -25.66 -27.12 -23.19
C ILE I 35 -27.13 -27.22 -22.82
N ALA I 36 -27.94 -27.69 -23.74
CA ALA I 36 -29.35 -27.95 -23.48
C ALA I 36 -29.64 -29.37 -23.95
N ASP I 37 -30.45 -30.09 -23.19
CA ASP I 37 -30.68 -31.50 -23.50
C ASP I 37 -29.36 -32.23 -23.62
N ALA I 38 -29.11 -32.82 -24.79
CA ALA I 38 -27.87 -33.52 -25.03
C ALA I 38 -27.10 -32.84 -26.15
N LYS I 39 -27.26 -31.52 -26.23
CA LYS I 39 -26.65 -30.77 -27.32
C LYS I 39 -25.76 -29.61 -26.84
N LEU I 40 -24.59 -29.48 -27.46
CA LEU I 40 -23.66 -28.40 -27.17
C LEU I 40 -23.58 -27.43 -28.37
N SER I 41 -23.90 -26.17 -28.14
CA SER I 41 -23.93 -25.20 -29.22
C SER I 41 -22.80 -24.19 -29.08
N PHE I 42 -22.26 -23.76 -30.21
CA PHE I 42 -21.18 -22.77 -30.19
C PHE I 42 -21.36 -21.70 -31.27
N SER I 43 -21.15 -20.45 -30.89
CA SER I 43 -21.35 -19.33 -31.80
C SER I 43 -20.11 -19.04 -32.62
N ASP I 44 -20.16 -18.00 -33.46
CA ASP I 44 -19.02 -17.58 -34.27
C ASP I 44 -18.01 -16.81 -33.40
N ASP I 45 -16.81 -16.60 -33.96
CA ASP I 45 -15.74 -15.90 -33.25
C ASP I 45 -16.27 -14.59 -32.63
N ILE I 46 -16.41 -14.56 -31.31
CA ILE I 46 -17.00 -13.39 -30.65
C ILE I 46 -16.02 -12.23 -30.63
N GLU I 47 -14.84 -12.45 -31.19
CA GLU I 47 -13.87 -11.37 -31.34
C GLU I 47 -14.07 -10.66 -32.68
N GLN I 48 -14.53 -11.41 -33.68
CA GLN I 48 -14.66 -10.91 -35.06
C GLN I 48 -15.90 -10.02 -35.25
N SER I 58 -23.37 -14.90 -35.86
CA SER I 58 -24.46 -15.75 -35.37
C SER I 58 -24.18 -16.37 -34.01
N LEU I 59 -25.24 -16.59 -33.25
CA LEU I 59 -25.10 -17.14 -31.91
C LEU I 59 -25.22 -18.65 -31.92
N CYS I 60 -25.12 -19.25 -33.10
CA CYS I 60 -25.29 -20.69 -33.18
C CYS I 60 -24.75 -21.29 -34.50
N ARG I 61 -23.47 -21.05 -34.80
CA ARG I 61 -22.87 -21.50 -36.04
C ARG I 61 -22.77 -23.03 -36.10
N GLY I 62 -23.02 -23.69 -34.98
CA GLY I 62 -22.94 -25.15 -34.93
C GLY I 62 -23.56 -25.76 -33.68
N ILE I 63 -24.06 -26.98 -33.82
CA ILE I 63 -24.65 -27.71 -32.69
C ILE I 63 -24.15 -29.15 -32.70
N LEU I 64 -23.67 -29.62 -31.56
CA LEU I 64 -23.11 -30.97 -31.46
C LEU I 64 -24.00 -31.89 -30.60
N ASP I 65 -24.22 -33.11 -31.10
CA ASP I 65 -24.99 -34.09 -30.33
C ASP I 65 -24.04 -34.90 -29.46
N LEU I 66 -24.02 -34.56 -28.17
CA LEU I 66 -23.11 -35.18 -27.22
C LEU I 66 -23.32 -36.69 -27.17
N ASN I 67 -24.54 -37.13 -27.49
CA ASN I 67 -24.85 -38.56 -27.51
C ASN I 67 -23.92 -39.32 -28.46
N THR I 68 -23.45 -38.63 -29.50
CA THR I 68 -22.59 -39.24 -30.52
C THR I 68 -21.09 -39.09 -30.21
N TYR I 69 -20.79 -38.26 -29.21
CA TYR I 69 -19.41 -37.98 -28.82
C TYR I 69 -19.02 -38.55 -27.44
N ASN I 70 -17.72 -38.52 -27.15
CA ASN I 70 -17.21 -38.81 -25.82
C ASN I 70 -16.20 -37.77 -25.37
N VAL I 71 -16.03 -37.59 -24.06
CA VAL I 71 -15.14 -36.54 -23.55
C VAL I 71 -13.89 -37.09 -22.90
N VAL I 72 -12.75 -36.71 -23.44
CA VAL I 72 -11.47 -37.06 -22.86
C VAL I 72 -10.85 -35.76 -22.38
N LYS I 73 -10.05 -35.82 -21.33
CA LYS I 73 -9.30 -34.64 -20.91
C LYS I 73 -7.87 -34.82 -21.35
N ALA I 74 -7.18 -33.71 -21.62
CA ALA I 74 -5.80 -33.79 -22.11
C ALA I 74 -4.84 -33.31 -21.06
N PRO I 75 -4.24 -34.25 -20.34
CA PRO I 75 -3.37 -33.93 -19.21
C PRO I 75 -2.33 -32.90 -19.63
N GLN I 76 -1.51 -33.24 -20.61
CA GLN I 76 -0.43 -32.38 -21.02
C GLN I 76 -0.93 -31.07 -21.62
N GLY I 77 -2.22 -30.99 -21.88
CA GLY I 77 -2.77 -29.84 -22.59
C GLY I 77 -2.66 -30.00 -24.10
N LYS I 78 -2.81 -28.92 -24.85
CA LYS I 78 -2.67 -28.98 -26.31
C LYS I 78 -2.50 -27.61 -26.90
N ASN I 79 -1.67 -27.52 -27.94
CA ASN I 79 -1.46 -26.27 -28.67
C ASN I 79 -1.30 -25.03 -27.77
N GLN I 80 -0.41 -25.12 -26.79
CA GLN I 80 -0.07 -23.96 -25.99
C GLN I 80 -1.21 -23.45 -25.08
N LYS I 81 -2.28 -24.24 -24.93
CA LYS I 81 -3.34 -23.98 -23.93
C LYS I 81 -3.31 -25.04 -22.81
N SER I 82 -3.35 -24.59 -21.56
CA SER I 82 -3.10 -25.47 -20.43
C SER I 82 -4.24 -26.38 -20.08
N PHE I 83 -5.47 -25.91 -20.28
CA PHE I 83 -6.62 -26.70 -19.85
C PHE I 83 -7.58 -26.95 -20.99
N VAL I 84 -7.61 -28.18 -21.50
CA VAL I 84 -8.51 -28.49 -22.61
C VAL I 84 -9.17 -29.85 -22.46
N PHE I 85 -10.38 -29.94 -22.99
CA PHE I 85 -11.06 -31.21 -23.11
C PHE I 85 -11.38 -31.44 -24.55
N ILE I 86 -11.53 -32.71 -24.93
CA ILE I 86 -11.75 -33.07 -26.33
C ILE I 86 -13.00 -33.92 -26.51
N LEU I 87 -13.85 -33.53 -27.47
CA LEU I 87 -15.02 -34.33 -27.85
C LEU I 87 -14.65 -35.25 -29.00
N GLU I 88 -14.29 -36.49 -28.70
CA GLU I 88 -13.99 -37.41 -29.79
C GLU I 88 -15.17 -38.33 -30.06
N PRO I 89 -15.49 -38.50 -31.34
CA PRO I 89 -16.75 -39.05 -31.84
C PRO I 89 -16.80 -40.56 -31.79
N LYS I 90 -18.01 -41.08 -31.91
CA LYS I 90 -18.25 -42.51 -32.03
C LYS I 90 -17.82 -43.02 -33.41
N GLN I 91 -18.46 -42.51 -34.47
CA GLN I 91 -18.20 -42.93 -35.84
C GLN I 91 -16.73 -42.80 -36.20
N GLN I 92 -16.27 -43.57 -37.17
CA GLN I 92 -14.94 -43.34 -37.71
C GLN I 92 -14.95 -41.97 -38.38
N GLY I 93 -13.99 -41.74 -39.26
CA GLY I 93 -13.88 -40.45 -39.93
C GLY I 93 -14.08 -39.31 -38.96
N ASP I 94 -15.31 -38.78 -38.93
CA ASP I 94 -15.68 -37.65 -38.07
C ASP I 94 -14.56 -37.18 -37.12
N PRO I 95 -14.15 -35.90 -37.23
CA PRO I 95 -13.00 -35.31 -36.54
C PRO I 95 -13.30 -34.98 -35.08
N PRO I 96 -12.24 -34.83 -34.29
CA PRO I 96 -12.39 -34.43 -32.89
C PRO I 96 -12.63 -32.93 -32.84
N VAL I 97 -13.50 -32.49 -31.94
CA VAL I 97 -13.65 -31.08 -31.67
C VAL I 97 -12.90 -30.77 -30.38
N GLU I 98 -11.97 -29.80 -30.43
CA GLU I 98 -11.11 -29.51 -29.27
C GLU I 98 -11.43 -28.17 -28.61
N PHE I 99 -11.84 -28.24 -27.34
CA PHE I 99 -12.19 -27.06 -26.54
C PHE I 99 -11.15 -26.77 -25.47
N ALA I 100 -11.10 -25.54 -25.01
CA ALA I 100 -10.17 -25.17 -23.95
C ALA I 100 -10.67 -23.95 -23.17
N THR I 101 -10.29 -23.84 -21.90
CA THR I 101 -10.81 -22.79 -21.04
C THR I 101 -9.68 -22.09 -20.33
N ASP I 102 -9.98 -20.94 -19.72
CA ASP I 102 -8.95 -20.12 -19.09
C ASP I 102 -8.47 -20.65 -17.74
N LYS I 103 -9.42 -20.87 -16.82
CA LYS I 103 -9.11 -21.31 -15.46
C LYS I 103 -9.32 -22.82 -15.31
N VAL I 104 -8.48 -23.48 -14.53
CA VAL I 104 -8.64 -24.91 -14.33
C VAL I 104 -10.00 -25.30 -13.78
N GLU I 105 -10.56 -24.50 -12.88
CA GLU I 105 -11.87 -24.83 -12.30
C GLU I 105 -12.95 -24.94 -13.38
N GLU I 106 -12.90 -24.06 -14.37
CA GLU I 106 -13.88 -24.11 -15.45
C GLU I 106 -13.76 -25.41 -16.22
N LEU I 107 -12.56 -25.75 -16.67
CA LEU I 107 -12.35 -27.05 -17.31
C LEU I 107 -13.11 -28.15 -16.57
N PHE I 108 -13.02 -28.14 -15.25
CA PHE I 108 -13.68 -29.20 -14.49
C PHE I 108 -15.19 -29.11 -14.50
N GLU I 109 -15.71 -27.89 -14.47
CA GLU I 109 -17.14 -27.69 -14.70
C GLU I 109 -17.58 -28.48 -15.93
N TRP I 110 -17.17 -27.97 -17.10
CA TRP I 110 -17.62 -28.48 -18.38
C TRP I 110 -17.44 -29.98 -18.48
N PHE I 111 -16.24 -30.45 -18.15
CA PHE I 111 -15.94 -31.87 -18.25
C PHE I 111 -16.94 -32.69 -17.42
N GLN I 112 -17.27 -32.20 -16.21
CA GLN I 112 -18.33 -32.85 -15.42
C GLN I 112 -19.65 -32.84 -16.19
N SER I 113 -20.15 -31.64 -16.50
CA SER I 113 -21.44 -31.51 -17.19
C SER I 113 -21.57 -32.44 -18.40
N ILE I 114 -20.56 -32.43 -19.26
CA ILE I 114 -20.61 -33.21 -20.47
C ILE I 114 -20.60 -34.72 -20.21
N ARG I 115 -19.82 -35.16 -19.22
CA ARG I 115 -19.77 -36.60 -18.96
C ARG I 115 -21.01 -37.07 -18.22
N GLU I 116 -21.56 -36.21 -17.37
CA GLU I 116 -22.85 -36.45 -16.69
C GLU I 116 -23.96 -36.54 -17.75
N ILE I 117 -23.57 -36.65 -19.02
CA ILE I 117 -24.52 -36.68 -20.12
C ILE I 117 -24.17 -37.75 -21.15
N THR I 118 -22.88 -38.04 -21.30
CA THR I 118 -22.47 -39.12 -22.21
C THR I 118 -22.43 -40.45 -21.47
N LYS J 13 1.32 -0.97 40.10
CA LYS J 13 2.69 -1.22 40.53
C LYS J 13 3.53 -1.89 39.44
N GLN J 14 4.78 -1.46 39.30
CA GLN J 14 5.63 -1.96 38.22
C GLN J 14 6.58 -3.04 38.72
N GLN J 15 6.60 -4.17 38.02
CA GLN J 15 7.47 -5.27 38.41
C GLN J 15 7.47 -6.46 37.42
N GLY J 16 8.65 -7.05 37.25
CA GLY J 16 8.84 -8.20 36.38
C GLY J 16 10.31 -8.60 36.32
N GLU J 17 10.65 -9.54 35.43
CA GLU J 17 12.04 -9.95 35.25
C GLU J 17 12.80 -8.95 34.36
N LEU J 18 14.09 -8.78 34.62
CA LEU J 18 14.93 -7.89 33.83
C LEU J 18 16.30 -8.51 33.69
N TYR J 19 17.05 -8.08 32.68
CA TYR J 19 18.43 -8.46 32.54
C TYR J 19 19.27 -7.40 33.22
N MET J 20 20.37 -7.81 33.85
CA MET J 20 21.35 -6.88 34.44
C MET J 20 22.75 -7.20 33.92
N TRP J 21 23.55 -6.15 33.74
CA TRP J 21 24.89 -6.31 33.20
C TRP J 21 25.89 -6.43 34.33
N ASP J 22 26.55 -7.59 34.40
CA ASP J 22 27.63 -7.81 35.36
C ASP J 22 28.96 -7.47 34.72
N SER J 23 29.54 -6.33 35.09
CA SER J 23 30.78 -5.84 34.48
C SER J 23 31.97 -6.75 34.78
N ILE J 24 31.75 -7.80 35.57
CA ILE J 24 32.80 -8.74 35.92
C ILE J 24 32.83 -9.93 34.98
N ASP J 25 31.80 -10.76 35.03
CA ASP J 25 31.72 -11.93 34.15
C ASP J 25 31.41 -11.51 32.71
N GLN J 26 31.28 -10.20 32.49
CA GLN J 26 30.97 -9.69 31.15
C GLN J 26 29.82 -10.47 30.54
N LYS J 27 28.75 -10.66 31.31
CA LYS J 27 27.56 -11.35 30.84
C LYS J 27 26.29 -10.73 31.40
N TRP J 28 25.17 -10.95 30.73
CA TRP J 28 23.88 -10.55 31.26
C TRP J 28 23.31 -11.65 32.15
N THR J 29 22.68 -11.25 33.26
CA THR J 29 22.03 -12.20 34.15
C THR J 29 20.61 -11.79 34.44
N ARG J 30 19.75 -12.79 34.66
CA ARG J 30 18.31 -12.56 34.84
C ARG J 30 17.94 -12.33 36.31
N HIS J 31 17.37 -11.17 36.60
CA HIS J 31 16.97 -10.82 37.96
C HIS J 31 15.52 -10.36 38.06
N PHE J 32 14.84 -10.71 39.15
CA PHE J 32 13.47 -10.24 39.40
C PHE J 32 13.48 -8.89 40.11
N CYS J 33 12.81 -7.91 39.52
CA CYS J 33 12.86 -6.55 40.03
C CYS J 33 11.48 -5.94 40.29
N ALA J 34 11.44 -4.97 41.18
CA ALA J 34 10.20 -4.30 41.55
C ALA J 34 10.42 -2.84 41.93
N ILE J 35 9.38 -2.03 41.73
CA ILE J 35 9.44 -0.63 42.09
C ILE J 35 8.36 -0.31 43.11
N ALA J 36 8.80 0.11 44.30
CA ALA J 36 7.91 0.61 45.35
C ALA J 36 8.44 1.96 45.84
N ASP J 37 7.55 2.91 46.07
CA ASP J 37 7.98 4.28 46.37
C ASP J 37 8.94 4.76 45.30
N ALA J 38 10.15 5.11 45.71
CA ALA J 38 11.15 5.59 44.77
C ALA J 38 12.32 4.63 44.76
N LYS J 39 12.03 3.36 44.97
CA LYS J 39 13.08 2.37 45.12
C LYS J 39 12.92 1.21 44.13
N LEU J 40 14.03 0.81 43.50
CA LEU J 40 14.02 -0.31 42.57
C LEU J 40 14.82 -1.46 43.18
N SER J 41 14.18 -2.60 43.37
CA SER J 41 14.86 -3.74 43.98
C SER J 41 15.15 -4.84 42.98
N PHE J 42 16.27 -5.53 43.17
CA PHE J 42 16.62 -6.62 42.28
C PHE J 42 17.19 -7.82 43.03
N SER J 43 16.73 -9.01 42.66
CA SER J 43 17.14 -10.25 43.32
C SER J 43 18.40 -10.85 42.71
N ASP J 44 18.82 -12.00 43.22
CA ASP J 44 20.02 -12.67 42.71
C ASP J 44 19.68 -13.37 41.40
N ASP J 45 20.72 -13.80 40.68
CA ASP J 45 20.54 -14.54 39.44
C ASP J 45 19.48 -15.66 39.60
N ILE J 46 18.31 -15.46 38.99
CA ILE J 46 17.21 -16.42 39.14
C ILE J 46 17.48 -17.69 38.37
N GLU J 47 18.61 -17.73 37.66
CA GLU J 47 19.03 -18.94 36.97
C GLU J 47 19.91 -19.84 37.86
N GLN J 48 20.63 -19.21 38.78
CA GLN J 48 21.56 -19.92 39.63
C GLN J 48 20.84 -20.63 40.79
N SER J 58 18.48 -14.98 47.32
CA SER J 58 17.66 -13.94 47.93
C SER J 58 16.81 -13.15 46.93
N LEU J 59 15.68 -12.64 47.39
CA LEU J 59 14.78 -11.91 46.52
C LEU J 59 15.04 -10.42 46.61
N CYS J 60 16.17 -10.04 47.18
CA CYS J 60 16.47 -8.63 47.33
C CYS J 60 17.96 -8.35 47.59
N ARG J 61 18.82 -8.78 46.68
CA ARG J 61 20.27 -8.64 46.85
C ARG J 61 20.71 -7.17 46.79
N GLY J 62 19.78 -6.30 46.39
CA GLY J 62 20.10 -4.89 46.27
C GLY J 62 18.90 -4.00 46.09
N ILE J 63 19.01 -2.75 46.54
CA ILE J 63 17.94 -1.77 46.42
C ILE J 63 18.49 -0.42 46.00
N LEU J 64 17.90 0.15 44.96
CA LEU J 64 18.39 1.40 44.38
C LEU J 64 17.45 2.56 44.62
N ASP J 65 17.99 3.71 45.06
CA ASP J 65 17.16 4.90 45.27
C ASP J 65 17.12 5.71 44.01
N LEU J 66 16.00 5.60 43.30
CA LEU J 66 15.83 6.24 42.00
C LEU J 66 15.98 7.75 42.11
N ASN J 67 15.69 8.29 43.30
CA ASN J 67 15.85 9.72 43.56
C ASN J 67 17.30 10.18 43.29
N THR J 68 18.25 9.25 43.48
CA THR J 68 19.66 9.55 43.30
C THR J 68 20.15 9.30 41.88
N TYR J 69 19.31 8.62 41.09
CA TYR J 69 19.68 8.24 39.72
C TYR J 69 18.87 8.98 38.64
N ASN J 70 19.32 8.81 37.40
CA ASN J 70 18.57 9.25 36.22
C ASN J 70 18.50 8.16 35.15
N VAL J 71 17.48 8.22 34.30
CA VAL J 71 17.31 7.17 33.31
C VAL J 71 17.58 7.66 31.89
N VAL J 72 18.58 7.07 31.26
CA VAL J 72 18.83 7.31 29.85
C VAL J 72 18.49 6.05 29.07
N LYS J 73 18.05 6.20 27.82
CA LYS J 73 17.88 5.04 26.97
C LYS J 73 19.06 4.94 26.03
N ALA J 74 19.39 3.72 25.60
CA ALA J 74 20.52 3.51 24.72
C ALA J 74 19.98 3.07 23.37
N PRO J 75 19.89 4.02 22.43
CA PRO J 75 19.35 3.79 21.08
C PRO J 75 19.99 2.57 20.41
N GLN J 76 21.31 2.62 20.28
CA GLN J 76 22.10 1.55 19.65
C GLN J 76 22.04 0.23 20.43
N GLY J 77 21.57 0.27 21.68
CA GLY J 77 21.59 -0.91 22.54
C GLY J 77 22.92 -0.98 23.27
N LYS J 78 23.23 -2.15 23.83
CA LYS J 78 24.52 -2.35 24.48
C LYS J 78 24.81 -3.83 24.67
N ASN J 79 26.08 -4.18 24.56
CA ASN J 79 26.54 -5.55 24.79
C ASN J 79 25.63 -6.61 24.19
N GLN J 80 25.29 -6.48 22.91
CA GLN J 80 24.54 -7.53 22.22
C GLN J 80 23.11 -7.72 22.73
N LYS J 81 22.61 -6.76 23.52
CA LYS J 81 21.19 -6.72 23.87
C LYS J 81 20.52 -5.52 23.18
N SER J 82 19.36 -5.77 22.56
CA SER J 82 18.70 -4.77 21.72
C SER J 82 18.02 -3.65 22.50
N PHE J 83 17.40 -3.98 23.61
CA PHE J 83 16.63 -2.98 24.32
C PHE J 83 17.12 -2.78 25.74
N VAL J 84 17.78 -1.66 26.00
CA VAL J 84 18.29 -1.41 27.35
C VAL J 84 18.10 0.01 27.80
N PHE J 85 17.97 0.16 29.12
CA PHE J 85 17.96 1.48 29.73
C PHE J 85 19.05 1.47 30.76
N ILE J 86 19.51 2.67 31.12
CA ILE J 86 20.63 2.84 32.03
C ILE J 86 20.30 3.80 33.17
N LEU J 87 20.58 3.39 34.40
CA LEU J 87 20.42 4.24 35.57
C LEU J 87 21.77 4.87 35.86
N GLU J 88 21.99 6.09 35.42
CA GLU J 88 23.24 6.78 35.72
C GLU J 88 23.03 7.80 36.85
N PRO J 89 23.96 7.79 37.81
CA PRO J 89 23.85 8.46 39.12
C PRO J 89 24.25 9.93 39.05
N LYS J 90 24.30 10.59 40.20
CA LYS J 90 25.05 11.83 40.27
C LYS J 90 26.29 11.63 41.15
N GLN J 91 27.49 11.74 40.56
CA GLN J 91 28.76 11.50 41.25
C GLN J 91 29.95 11.51 40.29
N PRO J 95 28.98 4.07 39.87
CA PRO J 95 28.88 3.43 38.56
C PRO J 95 27.44 3.39 38.04
N PRO J 96 27.29 3.24 36.72
CA PRO J 96 25.97 3.12 36.11
C PRO J 96 25.48 1.71 36.29
N VAL J 97 24.18 1.55 36.53
CA VAL J 97 23.58 0.23 36.56
C VAL J 97 22.83 0.06 35.25
N GLU J 98 23.14 -1.02 34.51
CA GLU J 98 22.61 -1.22 33.15
C GLU J 98 21.60 -2.37 33.05
N PHE J 99 20.36 -2.01 32.71
CA PHE J 99 19.29 -2.98 32.63
C PHE J 99 18.90 -3.22 31.17
N ALA J 100 18.27 -4.35 30.89
CA ALA J 100 17.80 -4.66 29.55
C ALA J 100 16.65 -5.63 29.59
N THR J 101 15.76 -5.57 28.59
CA THR J 101 14.58 -6.41 28.55
C THR J 101 14.45 -7.13 27.21
N ASP J 102 13.56 -8.11 27.15
CA ASP J 102 13.38 -8.95 25.97
C ASP J 102 12.63 -8.24 24.83
N LYS J 103 11.40 -7.82 25.12
CA LYS J 103 10.55 -7.17 24.12
C LYS J 103 10.62 -5.63 24.23
N VAL J 104 10.59 -4.95 23.09
CA VAL J 104 10.68 -3.48 23.07
C VAL J 104 9.58 -2.82 23.90
N GLU J 105 8.38 -3.40 23.87
CA GLU J 105 7.28 -2.83 24.66
C GLU J 105 7.62 -2.76 26.16
N GLU J 106 8.28 -3.80 26.68
CA GLU J 106 8.65 -3.80 28.09
C GLU J 106 9.61 -2.64 28.38
N LEU J 107 10.66 -2.53 27.58
CA LEU J 107 11.60 -1.42 27.75
C LEU J 107 10.82 -0.14 27.92
N PHE J 108 9.80 0.01 27.07
CA PHE J 108 8.94 1.16 27.13
C PHE J 108 8.27 1.28 28.53
N GLU J 109 7.51 0.26 28.92
CA GLU J 109 6.82 0.28 30.24
C GLU J 109 7.78 0.72 31.34
N TRP J 110 8.90 0.01 31.47
CA TRP J 110 9.90 0.37 32.47
C TRP J 110 10.39 1.83 32.31
N PHE J 111 10.87 2.19 31.13
CA PHE J 111 11.43 3.52 31.03
C PHE J 111 10.41 4.53 31.58
N GLN J 112 9.16 4.39 31.18
CA GLN J 112 8.12 5.31 31.63
C GLN J 112 8.02 5.36 33.15
N SER J 113 7.81 4.21 33.78
CA SER J 113 7.66 4.14 35.23
C SER J 113 8.78 4.87 35.96
N ILE J 114 10.02 4.56 35.59
CA ILE J 114 11.19 5.12 36.27
C ILE J 114 11.29 6.64 36.09
N ARG J 115 10.97 7.15 34.90
CA ARG J 115 11.09 8.59 34.69
C ARG J 115 9.92 9.36 35.32
N GLU J 116 8.75 8.72 35.35
CA GLU J 116 7.58 9.26 36.05
C GLU J 116 7.85 9.29 37.55
N ILE J 117 9.12 9.14 37.91
CA ILE J 117 9.55 9.12 39.31
C ILE J 117 10.82 9.92 39.55
N THR J 118 11.69 10.01 38.54
CA THR J 118 12.87 10.87 38.65
C THR J 118 12.60 12.29 38.18
N LYS K 13 -12.10 -6.36 -21.36
CA LYS K 13 -13.41 -6.25 -22.03
C LYS K 13 -14.49 -6.99 -21.25
N GLN K 14 -15.67 -6.39 -21.18
CA GLN K 14 -16.75 -6.95 -20.37
C GLN K 14 -17.76 -7.67 -21.23
N GLN K 15 -18.14 -8.88 -20.82
CA GLN K 15 -19.08 -9.70 -21.59
C GLN K 15 -19.40 -11.06 -20.97
N GLY K 16 -20.68 -11.44 -21.06
CA GLY K 16 -21.14 -12.72 -20.55
C GLY K 16 -22.63 -12.84 -20.77
N GLU K 17 -23.24 -13.88 -20.20
CA GLU K 17 -24.70 -14.04 -20.34
C GLU K 17 -25.42 -13.17 -19.31
N LEU K 18 -26.60 -12.71 -19.65
CA LEU K 18 -27.41 -11.89 -18.75
C LEU K 18 -28.87 -12.26 -18.94
N TYR K 19 -29.68 -11.97 -17.93
CA TYR K 19 -31.14 -12.10 -18.07
C TYR K 19 -31.71 -10.75 -18.57
N MET K 20 -32.74 -10.80 -19.42
CA MET K 20 -33.43 -9.58 -19.83
C MET K 20 -34.93 -9.71 -19.58
N TRP K 21 -35.56 -8.60 -19.22
CA TRP K 21 -36.98 -8.61 -18.89
C TRP K 21 -37.83 -8.25 -20.09
N ASP K 22 -38.63 -9.21 -20.53
CA ASP K 22 -39.56 -8.96 -21.65
C ASP K 22 -40.91 -8.55 -21.07
N SER K 23 -41.24 -7.26 -21.20
CA SER K 23 -42.47 -6.72 -20.65
C SER K 23 -43.74 -7.29 -21.31
N ILE K 24 -43.56 -8.14 -22.31
CA ILE K 24 -44.68 -8.76 -23.00
C ILE K 24 -45.01 -10.12 -22.40
N ASP K 25 -44.15 -11.10 -22.59
CA ASP K 25 -44.39 -12.43 -22.06
C ASP K 25 -44.28 -12.42 -20.54
N GLN K 26 -43.95 -11.25 -19.97
CA GLN K 26 -43.77 -11.12 -18.52
C GLN K 26 -42.84 -12.22 -18.00
N LYS K 27 -41.72 -12.45 -18.68
CA LYS K 27 -40.75 -13.47 -18.28
C LYS K 27 -39.33 -13.00 -18.49
N TRP K 28 -38.38 -13.64 -17.81
CA TRP K 28 -36.97 -13.34 -18.04
C TRP K 28 -36.44 -14.29 -19.09
N THR K 29 -35.62 -13.76 -19.99
CA THR K 29 -34.98 -14.57 -21.03
C THR K 29 -33.48 -14.38 -21.02
N ARG K 30 -32.76 -15.42 -21.42
CA ARG K 30 -31.30 -15.43 -21.37
C ARG K 30 -30.67 -14.93 -22.69
N HIS K 31 -29.88 -13.86 -22.58
CA HIS K 31 -29.23 -13.30 -23.76
C HIS K 31 -27.73 -13.12 -23.54
N PHE K 32 -26.92 -13.32 -24.59
CA PHE K 32 -25.48 -13.06 -24.50
C PHE K 32 -25.14 -11.62 -24.83
N CYS K 33 -24.44 -10.96 -23.93
CA CYS K 33 -24.21 -9.52 -24.10
C CYS K 33 -22.74 -9.15 -24.04
N ALA K 34 -22.41 -7.99 -24.62
CA ALA K 34 -21.03 -7.51 -24.69
C ALA K 34 -20.96 -6.00 -24.70
N ILE K 35 -19.86 -5.46 -24.19
CA ILE K 35 -19.64 -4.03 -24.15
C ILE K 35 -18.37 -3.67 -24.90
N ALA K 36 -18.55 -2.92 -25.99
CA ALA K 36 -17.45 -2.36 -26.78
C ALA K 36 -17.69 -0.86 -26.95
N ASP K 37 -16.63 -0.07 -26.81
CA ASP K 37 -16.77 1.37 -26.80
C ASP K 37 -17.80 1.78 -25.76
N ALA K 38 -18.85 2.45 -26.19
CA ALA K 38 -19.90 2.87 -25.27
C ALA K 38 -21.20 2.18 -25.65
N LYS K 39 -21.07 0.97 -26.20
CA LYS K 39 -22.23 0.23 -26.68
C LYS K 39 -22.42 -1.15 -26.00
N LEU K 40 -23.66 -1.44 -25.60
CA LEU K 40 -23.99 -2.74 -25.02
C LEU K 40 -24.86 -3.55 -25.98
N SER K 41 -24.38 -4.71 -26.41
CA SER K 41 -25.11 -5.52 -27.38
C SER K 41 -25.72 -6.74 -26.74
N PHE K 42 -26.89 -7.15 -27.23
CA PHE K 42 -27.54 -8.34 -26.71
C PHE K 42 -28.14 -9.19 -27.81
N SER K 43 -27.94 -10.49 -27.73
CA SER K 43 -28.45 -11.42 -28.74
C SER K 43 -29.85 -11.91 -28.44
N ASP K 44 -30.35 -12.81 -29.29
CA ASP K 44 -31.69 -13.37 -29.14
C ASP K 44 -31.69 -14.41 -28.02
N ASP K 45 -32.88 -14.81 -27.59
CA ASP K 45 -33.04 -15.82 -26.54
C ASP K 45 -32.18 -17.05 -26.86
N ILE K 46 -31.11 -17.22 -26.10
CA ILE K 46 -30.15 -18.30 -26.38
C ILE K 46 -30.71 -19.65 -25.99
N GLU K 47 -31.93 -19.64 -25.47
CA GLU K 47 -32.67 -20.87 -25.18
C GLU K 47 -33.54 -21.33 -26.36
N GLN K 48 -34.01 -20.37 -27.16
CA GLN K 48 -34.94 -20.66 -28.25
C GLN K 48 -34.20 -21.16 -29.45
N THR K 49 -32.90 -21.04 -29.38
CA THR K 49 -32.06 -21.63 -30.39
C THR K 49 -31.74 -23.03 -29.83
N MET K 50 -32.70 -23.91 -30.13
CA MET K 50 -32.82 -25.25 -29.55
C MET K 50 -34.25 -25.75 -29.74
N PRO K 55 -31.78 -23.61 -33.91
CA PRO K 55 -30.56 -23.25 -34.64
C PRO K 55 -30.72 -22.02 -35.56
N LEU K 56 -29.60 -21.32 -35.79
CA LEU K 56 -29.58 -20.06 -36.54
C LEU K 56 -30.42 -18.98 -35.86
N GLY K 57 -29.78 -18.23 -34.97
CA GLY K 57 -30.41 -17.12 -34.29
C GLY K 57 -29.38 -16.02 -34.16
N SER K 58 -29.80 -14.77 -34.01
CA SER K 58 -28.81 -13.71 -34.18
C SER K 58 -28.01 -13.40 -32.92
N LEU K 59 -26.75 -13.04 -33.10
CA LEU K 59 -25.88 -12.72 -31.98
C LEU K 59 -25.91 -11.22 -31.68
N CYS K 60 -26.86 -10.51 -32.28
CA CYS K 60 -26.90 -9.07 -32.09
C CYS K 60 -28.26 -8.45 -32.42
N ARG K 61 -29.33 -8.94 -31.78
CA ARG K 61 -30.69 -8.48 -32.09
C ARG K 61 -30.88 -7.01 -31.68
N GLY K 62 -29.90 -6.44 -30.97
CA GLY K 62 -30.00 -5.06 -30.53
C GLY K 62 -28.71 -4.50 -30.00
N ILE K 63 -28.59 -3.17 -30.06
CA ILE K 63 -27.42 -2.47 -29.55
C ILE K 63 -27.83 -1.19 -28.86
N LEU K 64 -27.32 -0.98 -27.66
CA LEU K 64 -27.68 0.17 -26.84
C LEU K 64 -26.52 1.15 -26.68
N ASP K 65 -26.79 2.43 -26.83
CA ASP K 65 -25.76 3.44 -26.62
C ASP K 65 -25.81 3.90 -25.16
N LEU K 66 -24.86 3.40 -24.38
CA LEU K 66 -24.81 3.70 -22.95
C LEU K 66 -24.71 5.21 -22.68
N ASN K 67 -24.12 5.94 -23.63
CA ASN K 67 -24.04 7.40 -23.52
C ASN K 67 -25.42 8.03 -23.29
N THR K 68 -26.45 7.37 -23.82
CA THR K 68 -27.81 7.89 -23.75
C THR K 68 -28.55 7.37 -22.51
N TYR K 69 -27.96 6.37 -21.84
CA TYR K 69 -28.59 5.76 -20.68
C TYR K 69 -27.87 6.07 -19.36
N ASN K 70 -28.51 5.67 -18.26
CA ASN K 70 -27.90 5.69 -16.93
C ASN K 70 -28.18 4.39 -16.19
N VAL K 71 -27.33 4.05 -15.22
CA VAL K 71 -27.48 2.78 -14.55
C VAL K 71 -27.86 2.92 -13.11
N VAL K 72 -29.03 2.38 -12.76
CA VAL K 72 -29.47 2.33 -11.38
C VAL K 72 -29.48 0.90 -10.96
N LYS K 73 -29.23 0.66 -9.68
CA LYS K 73 -29.36 -0.68 -9.15
C LYS K 73 -30.67 -0.79 -8.37
N ALA K 74 -31.26 -1.97 -8.32
CA ALA K 74 -32.56 -2.16 -7.68
C ALA K 74 -32.36 -2.97 -6.43
N PRO K 75 -32.27 -2.31 -5.29
CA PRO K 75 -32.01 -2.96 -4.00
C PRO K 75 -32.93 -4.15 -3.73
N GLN K 76 -34.24 -3.90 -3.79
CA GLN K 76 -35.24 -4.93 -3.52
C GLN K 76 -35.30 -5.99 -4.60
N GLY K 77 -34.60 -5.76 -5.70
CA GLY K 77 -34.68 -6.67 -6.85
C GLY K 77 -35.87 -6.31 -7.73
N LYS K 78 -36.24 -7.22 -8.62
CA LYS K 78 -37.41 -7.01 -9.47
C LYS K 78 -37.90 -8.32 -10.07
N ASN K 79 -39.21 -8.45 -10.17
CA ASN K 79 -39.81 -9.62 -10.83
C ASN K 79 -39.21 -10.96 -10.45
N GLN K 80 -39.03 -11.20 -9.16
CA GLN K 80 -38.59 -12.50 -8.68
C GLN K 80 -37.13 -12.84 -9.02
N LYS K 81 -36.36 -11.84 -9.44
CA LYS K 81 -34.91 -11.99 -9.60
C LYS K 81 -34.17 -11.14 -8.57
N SER K 82 -33.21 -11.75 -7.88
CA SER K 82 -32.53 -11.11 -6.75
C SER K 82 -31.57 -9.96 -7.11
N PHE K 83 -30.87 -10.10 -8.22
CA PHE K 83 -29.83 -9.12 -8.54
C PHE K 83 -30.05 -8.51 -9.89
N VAL K 84 -30.48 -7.26 -9.93
CA VAL K 84 -30.71 -6.63 -11.22
C VAL K 84 -30.21 -5.21 -11.27
N PHE K 85 -29.87 -4.77 -12.47
CA PHE K 85 -29.56 -3.38 -12.70
C PHE K 85 -30.45 -2.91 -13.83
N ILE K 86 -30.66 -1.60 -13.89
CA ILE K 86 -31.57 -1.02 -14.87
C ILE K 86 -30.91 0.12 -15.66
N LEU K 87 -31.06 0.06 -16.98
CA LEU K 87 -30.61 1.13 -17.86
C LEU K 87 -31.79 2.06 -18.13
N GLU K 88 -31.91 3.15 -17.36
CA GLU K 88 -32.97 4.13 -17.63
C GLU K 88 -32.43 5.34 -18.40
N PRO K 89 -33.16 5.73 -19.45
CA PRO K 89 -32.72 6.63 -20.53
C PRO K 89 -32.70 8.10 -20.12
N PRO K 95 -38.28 3.67 -23.00
CA PRO K 95 -38.51 2.75 -21.88
C PRO K 95 -37.20 2.29 -21.22
N PRO K 96 -37.30 1.79 -19.99
CA PRO K 96 -36.14 1.27 -19.29
C PRO K 96 -35.84 -0.14 -19.80
N VAL K 97 -34.56 -0.48 -19.92
CA VAL K 97 -34.14 -1.84 -20.21
C VAL K 97 -33.69 -2.46 -18.89
N GLU K 98 -34.26 -3.62 -18.56
CA GLU K 98 -34.00 -4.24 -17.25
C GLU K 98 -33.23 -5.56 -17.36
N PHE K 99 -32.00 -5.54 -16.82
CA PHE K 99 -31.10 -6.69 -16.82
C PHE K 99 -30.99 -7.33 -15.45
N ALA K 100 -30.61 -8.60 -15.39
CA ALA K 100 -30.43 -9.30 -14.12
C ALA K 100 -29.42 -10.42 -14.30
N THR K 101 -28.73 -10.77 -13.22
CA THR K 101 -27.69 -11.80 -13.27
C THR K 101 -27.89 -12.86 -12.21
N ASP K 102 -27.16 -13.95 -12.29
CA ASP K 102 -27.33 -15.08 -11.36
C ASP K 102 -26.66 -14.84 -10.01
N LYS K 103 -25.36 -14.55 -10.02
CA LYS K 103 -24.61 -14.37 -8.78
C LYS K 103 -24.46 -12.89 -8.49
N VAL K 104 -24.39 -12.53 -7.21
CA VAL K 104 -24.28 -11.12 -6.82
C VAL K 104 -22.98 -10.49 -7.32
N GLU K 105 -21.90 -11.26 -7.33
CA GLU K 105 -20.63 -10.73 -7.80
C GLU K 105 -20.68 -10.25 -9.26
N GLU K 106 -21.37 -10.99 -10.10
CA GLU K 106 -21.52 -10.57 -11.49
C GLU K 106 -22.21 -9.22 -11.55
N LEU K 107 -23.36 -9.09 -10.89
CA LEU K 107 -24.08 -7.82 -10.86
C LEU K 107 -23.06 -6.71 -10.64
N PHE K 108 -22.05 -6.99 -9.83
CA PHE K 108 -21.00 -6.02 -9.51
C PHE K 108 -20.08 -5.67 -10.70
N GLU K 109 -19.52 -6.69 -11.34
CA GLU K 109 -18.67 -6.52 -12.53
C GLU K 109 -19.41 -5.69 -13.58
N TRP K 110 -20.73 -5.72 -13.58
CA TRP K 110 -21.47 -4.99 -14.62
C TRP K 110 -21.83 -3.58 -14.15
N PHE K 111 -22.34 -3.47 -12.93
CA PHE K 111 -22.71 -2.16 -12.42
C PHE K 111 -21.48 -1.29 -12.62
N GLN K 112 -20.31 -1.86 -12.30
CA GLN K 112 -19.05 -1.11 -12.41
C GLN K 112 -18.70 -0.73 -13.85
N SER K 113 -18.58 -1.72 -14.72
CA SER K 113 -18.21 -1.46 -16.12
C SER K 113 -19.09 -0.40 -16.76
N ILE K 114 -20.41 -0.54 -16.60
CA ILE K 114 -21.33 0.37 -17.24
C ILE K 114 -21.23 1.80 -16.69
N ARG K 115 -21.08 1.93 -15.38
CA ARG K 115 -21.00 3.28 -14.82
C ARG K 115 -19.64 3.91 -15.08
N GLU K 116 -18.58 3.08 -15.16
CA GLU K 116 -17.25 3.57 -15.55
C GLU K 116 -17.27 4.00 -17.01
N ILE K 117 -18.48 4.18 -17.53
CA ILE K 117 -18.66 4.58 -18.92
C ILE K 117 -19.73 5.68 -19.07
N THR K 118 -20.72 5.68 -18.17
CA THR K 118 -21.73 6.75 -18.17
C THR K 118 -21.45 7.89 -17.19
N TRP K 119 -21.09 7.53 -15.95
CA TRP K 119 -21.08 8.44 -14.80
C TRP K 119 -20.54 7.75 -13.54
N LYS L 13 -23.95 15.50 13.21
CA LYS L 13 -24.76 16.07 12.13
C LYS L 13 -26.24 16.09 12.49
N GLN L 14 -26.91 17.18 12.17
CA GLN L 14 -28.31 17.37 12.54
C GLN L 14 -29.24 17.01 11.38
N GLN L 15 -30.21 16.15 11.62
CA GLN L 15 -31.18 15.79 10.59
C GLN L 15 -32.36 14.90 11.07
N GLY L 16 -33.54 15.15 10.52
CA GLY L 16 -34.74 14.39 10.87
C GLY L 16 -35.95 14.93 10.16
N GLU L 17 -37.14 14.45 10.51
CA GLU L 17 -38.35 14.94 9.86
C GLU L 17 -38.80 16.24 10.53
N LEU L 18 -39.39 17.14 9.75
CA LEU L 18 -39.93 18.41 10.26
C LEU L 18 -41.28 18.74 9.61
N HIS L 31 -41.83 17.04 5.91
CA HIS L 31 -40.65 17.04 5.04
C HIS L 31 -39.41 16.55 5.78
N PHE L 32 -38.56 15.80 5.09
CA PHE L 32 -37.27 15.38 5.65
C PHE L 32 -36.18 16.42 5.41
N CYS L 33 -35.51 16.83 6.49
CA CYS L 33 -34.57 17.93 6.43
C CYS L 33 -33.20 17.57 7.01
N ALA L 34 -32.19 18.31 6.57
CA ALA L 34 -30.82 18.04 6.99
C ALA L 34 -29.99 19.32 6.98
N ILE L 35 -28.97 19.33 7.83
CA ILE L 35 -28.05 20.47 7.93
C ILE L 35 -26.61 20.05 7.66
N ALA L 36 -26.08 20.57 6.56
CA ALA L 36 -24.68 20.38 6.19
C ALA L 36 -24.06 21.77 5.92
N ASP L 37 -22.84 21.98 6.40
CA ASP L 37 -22.19 23.30 6.33
C ASP L 37 -23.10 24.35 6.96
N ALA L 38 -23.51 25.32 6.15
CA ALA L 38 -24.43 26.34 6.62
C ALA L 38 -25.71 26.28 5.80
N LYS L 39 -26.09 25.07 5.40
CA LYS L 39 -27.26 24.90 4.53
C LYS L 39 -28.28 23.93 5.13
N LEU L 40 -29.56 24.31 5.05
CA LEU L 40 -30.67 23.45 5.50
C LEU L 40 -31.49 22.98 4.29
N SER L 41 -31.54 21.67 4.08
CA SER L 41 -32.26 21.14 2.94
C SER L 41 -33.58 20.50 3.36
N PHE L 42 -34.60 20.59 2.51
CA PHE L 42 -35.88 19.97 2.81
C PHE L 42 -36.47 19.32 1.56
N SER L 43 -37.00 18.12 1.73
CA SER L 43 -37.57 17.35 0.63
C SER L 43 -39.05 17.67 0.40
N ASP L 44 -39.67 16.94 -0.54
CA ASP L 44 -41.10 17.11 -0.86
C ASP L 44 -42.00 16.47 0.21
N SER L 58 -38.87 14.19 -4.66
CA SER L 58 -37.44 14.48 -4.55
C SER L 58 -36.99 14.67 -3.10
N LEU L 59 -35.73 14.36 -2.83
CA LEU L 59 -35.21 14.45 -1.47
C LEU L 59 -34.56 15.79 -1.21
N CYS L 60 -34.79 16.75 -2.11
CA CYS L 60 -34.14 18.05 -1.99
C CYS L 60 -34.81 19.15 -2.79
N ARG L 61 -36.11 19.34 -2.57
CA ARG L 61 -36.91 20.32 -3.32
C ARG L 61 -36.46 21.76 -3.04
N GLY L 62 -35.63 21.91 -2.01
CA GLY L 62 -35.14 23.22 -1.65
C GLY L 62 -33.94 23.20 -0.72
N ILE L 63 -33.11 24.25 -0.81
CA ILE L 63 -31.97 24.40 0.07
C ILE L 63 -31.87 25.84 0.52
N LEU L 64 -31.69 26.00 1.84
CA LEU L 64 -31.65 27.33 2.47
C LEU L 64 -30.26 27.66 3.01
N ASP L 65 -29.80 28.88 2.74
CA ASP L 65 -28.53 29.34 3.28
C ASP L 65 -28.78 30.03 4.60
N LEU L 66 -28.45 29.32 5.68
CA LEU L 66 -28.66 29.82 7.04
C LEU L 66 -27.89 31.11 7.31
N ASN L 67 -26.78 31.31 6.60
CA ASN L 67 -26.00 32.55 6.70
C ASN L 67 -26.85 33.79 6.38
N THR L 68 -27.86 33.60 5.53
CA THR L 68 -28.76 34.68 5.12
C THR L 68 -30.00 34.84 6.04
N TYR L 69 -30.21 33.84 6.89
CA TYR L 69 -31.39 33.83 7.77
C TYR L 69 -31.05 34.00 9.26
N ASN L 70 -32.10 34.17 10.05
CA ASN L 70 -31.99 34.13 11.50
C ASN L 70 -33.09 33.29 12.13
N VAL L 71 -32.83 32.77 13.33
CA VAL L 71 -33.81 31.88 13.98
C VAL L 71 -34.47 32.45 15.20
N VAL L 72 -35.79 32.59 15.10
CA VAL L 72 -36.58 33.05 16.23
C VAL L 72 -37.44 31.87 16.67
N LYS L 73 -37.71 31.79 17.96
CA LYS L 73 -38.67 30.81 18.44
C LYS L 73 -40.02 31.49 18.69
N ALA L 74 -41.11 30.75 18.50
CA ALA L 74 -42.45 31.32 18.69
C ALA L 74 -43.06 30.76 19.96
N PRO L 75 -42.99 31.53 21.05
CA PRO L 75 -43.48 31.09 22.37
C PRO L 75 -44.91 30.54 22.29
N GLN L 76 -45.82 31.37 21.81
CA GLN L 76 -47.24 31.01 21.70
C GLN L 76 -47.51 29.87 20.69
N GLY L 77 -46.49 29.53 19.89
CA GLY L 77 -46.66 28.58 18.81
C GLY L 77 -47.19 29.28 17.57
N LYS L 78 -47.76 28.52 16.65
CA LYS L 78 -48.34 29.11 15.44
C LYS L 78 -49.20 28.07 14.74
N ASN L 79 -50.30 28.55 14.14
CA ASN L 79 -51.19 27.71 13.33
C ASN L 79 -51.51 26.35 13.94
N GLN L 80 -51.87 26.33 15.22
CA GLN L 80 -52.31 25.10 15.88
C GLN L 80 -51.20 24.04 16.08
N LYS L 81 -49.92 24.46 15.92
CA LYS L 81 -48.76 23.61 16.24
C LYS L 81 -48.06 24.20 17.46
N SER L 82 -47.77 23.36 18.45
CA SER L 82 -47.24 23.82 19.74
C SER L 82 -45.79 24.30 19.73
N PHE L 83 -44.93 23.63 18.95
CA PHE L 83 -43.50 23.90 18.99
C PHE L 83 -42.97 24.25 17.62
N VAL L 84 -42.69 25.52 17.40
CA VAL L 84 -42.18 25.94 16.10
C VAL L 84 -41.02 26.92 16.23
N PHE L 85 -40.15 26.89 15.23
CA PHE L 85 -39.13 27.91 15.09
C PHE L 85 -39.29 28.52 13.69
N ILE L 86 -38.81 29.75 13.52
CA ILE L 86 -38.96 30.49 12.28
C ILE L 86 -37.61 31.00 11.74
N LEU L 87 -37.37 30.74 10.46
CA LEU L 87 -36.20 31.30 9.78
C LEU L 87 -36.56 32.62 9.09
N VAL L 97 -39.64 31.37 6.43
CA VAL L 97 -39.92 29.94 6.36
C VAL L 97 -40.22 29.43 7.76
N GLU L 98 -41.37 28.76 7.91
CA GLU L 98 -41.85 28.34 9.25
C GLU L 98 -41.87 26.83 9.47
N PHE L 99 -41.02 26.38 10.40
CA PHE L 99 -40.87 24.98 10.73
C PHE L 99 -41.54 24.66 12.06
N ALA L 100 -41.90 23.40 12.25
CA ALA L 100 -42.45 22.93 13.52
C ALA L 100 -42.16 21.42 13.73
N THR L 101 -42.06 21.03 15.01
CA THR L 101 -41.73 19.63 15.37
C THR L 101 -42.74 19.05 16.34
N ASP L 102 -42.68 17.74 16.52
CA ASP L 102 -43.66 17.04 17.35
C ASP L 102 -43.40 17.22 18.85
N LYS L 103 -42.20 16.86 19.29
CA LYS L 103 -41.84 16.92 20.71
C LYS L 103 -41.05 18.19 20.99
N VAL L 104 -41.24 18.75 22.19
CA VAL L 104 -40.55 19.97 22.58
C VAL L 104 -39.02 19.80 22.56
N GLU L 105 -38.55 18.64 22.97
CA GLU L 105 -37.10 18.39 22.99
C GLU L 105 -36.46 18.55 21.59
N GLU L 106 -37.15 18.08 20.55
CA GLU L 106 -36.68 18.22 19.16
C GLU L 106 -36.56 19.70 18.78
N LEU L 107 -37.63 20.46 18.99
CA LEU L 107 -37.55 21.91 18.79
C LEU L 107 -36.25 22.45 19.39
N PHE L 108 -35.94 22.05 20.63
CA PHE L 108 -34.75 22.52 21.36
C PHE L 108 -33.40 22.21 20.74
N GLU L 109 -33.31 21.20 19.88
CA GLU L 109 -32.02 20.90 19.27
C GLU L 109 -31.90 21.38 17.83
N TRP L 110 -33.03 21.54 17.16
CA TRP L 110 -33.11 22.26 15.89
C TRP L 110 -32.90 23.78 16.09
N PHE L 111 -33.28 24.29 17.26
CA PHE L 111 -33.07 25.71 17.63
C PHE L 111 -31.61 25.94 18.04
N GLN L 112 -31.00 24.95 18.68
CA GLN L 112 -29.58 25.04 19.04
C GLN L 112 -28.67 24.92 17.83
N SER L 113 -28.81 23.83 17.07
CA SER L 113 -27.99 23.60 15.89
C SER L 113 -27.98 24.81 14.96
N ILE L 114 -29.16 25.32 14.61
CA ILE L 114 -29.25 26.41 13.65
C ILE L 114 -28.59 27.70 14.17
N ARG L 115 -28.79 28.01 15.45
CA ARG L 115 -28.21 29.23 16.01
C ARG L 115 -26.71 29.09 16.26
N GLU L 116 -26.26 27.88 16.59
CA GLU L 116 -24.82 27.58 16.67
C GLU L 116 -24.18 27.67 15.28
N ILE L 117 -24.92 28.28 14.34
CA ILE L 117 -24.46 28.46 12.96
C ILE L 117 -24.71 29.88 12.43
N THR L 118 -25.80 30.52 12.87
CA THR L 118 -26.08 31.91 12.49
C THR L 118 -25.33 32.87 13.41
N TRP L 119 -24.89 32.32 14.55
CA TRP L 119 -23.98 32.94 15.51
C TRP L 119 -22.58 32.28 15.44
N LYS L 120 -22.25 31.73 14.27
CA LYS L 120 -20.98 31.02 14.05
C LYS L 120 -20.91 29.71 14.84
#